data_5H1M
#
_entry.id   5H1M
#
_cell.length_a   60.534
_cell.length_b   120.907
_cell.length_c   61.257
_cell.angle_alpha   90.000
_cell.angle_beta   117.420
_cell.angle_gamma   90.000
#
_symmetry.space_group_name_H-M   'P 1 21 1'
#
loop_
_entity.id
_entity.type
_entity.pdbx_description
1 polymer 'Gem-associated protein 5'
2 non-polymer "7N-METHYL-8-HYDROGUANOSINE-5'-DIPHOSPHATE"
3 water water
#
_entity_poly.entity_id   1
_entity_poly.type   'polypeptide(L)'
_entity_poly.pdbx_seq_one_letter_code
;GAMGIRNSMGQEPRTLPPSPNWYCARCSDAVPGGLFGFAARTSVFLVRVGPGAGESPGTPPFRVIGELVGHTERVSGFTF
SHHPGQYNLCATSSDDGTVKIWDVETKTVVTEHALHQHTISTLHWSPRVKDLIVSGDEKGVVFCYWFNRNDSQHLFIEPR
TIFCLTCSPHHEDLVAIGYKDGIVVIIDISKKGEVIHRLRGHDDEIHSIAWCPLPGEDCLSINQEETSEEAEITNGNAVA
QAPVTKGCYLATGSKDQTIRIWSCSRGRGVMILKLPFLKRRGGGIDPTVKERLWLTLHWPSNQPTQLVSSCFGGELLQWD
LTQSWRRKYTLFSASSEGQNHSRIVFNLCPLQTEDDKQLLLSTSMDRDVKCWDIATLECSWTLPSLGGFAYSLAFSSVDI
GSLAIGVGDGMIRVWNTLSIKNNYDVKNFWQGVKSKVTALCWHPTKEGCLAFGTDDGKVGLYDTYSNKPPQISSTYHKKT
VYTLAWGPPVPPMSLGGEGDRPSLALYSCGGEGIVLQHNPWKLSGEAFDINKLIRDTNSIKYKLPVHTEISWKADGKIMA
LGNEDGSIEIFQIPNLKLICTIQQHHKLVNTISWHHEHGSQPELSYLMASGSNNAVIYVHNLKTVIESSPESPVTITEPY
RTLSGHTAKITSVAWSPHHDGRLVSASYDGTAQVWDALREEPLCNFRGHRGRLLCVAWSPLDPDCIYSGADDFCVHKWLT
SMQDHSRPPQGKKS
;
_entity_poly.pdbx_strand_id   A
#
loop_
_chem_comp.id
_chem_comp.type
_chem_comp.name
_chem_comp.formula
M7G non-polymer 7N-METHYL-8-HYDROGUANOSINE-5'-DIPHOSPHATE 'C11 H18 N5 O11 P2 1'
#
# COMPACT_ATOMS: atom_id res chain seq x y z
N GLU A 12 -7.69 -14.74 8.69
CA GLU A 12 -7.19 -13.46 8.19
C GLU A 12 -7.33 -13.36 6.67
N PRO A 13 -7.59 -12.15 6.16
CA PRO A 13 -7.69 -11.90 4.72
C PRO A 13 -6.32 -11.71 4.04
N ARG A 14 -6.29 -11.88 2.72
CA ARG A 14 -5.11 -11.59 1.93
C ARG A 14 -4.92 -10.08 1.83
N THR A 15 -3.70 -9.62 2.10
CA THR A 15 -3.48 -8.17 2.31
C THR A 15 -2.38 -7.57 1.45
N LEU A 16 -2.68 -6.41 0.87
CA LEU A 16 -1.70 -5.56 0.23
C LEU A 16 -1.32 -4.44 1.22
N PRO A 17 -0.15 -4.57 1.86
CA PRO A 17 0.23 -3.72 2.99
C PRO A 17 0.74 -2.33 2.58
N PRO A 18 0.87 -1.41 3.56
CA PRO A 18 1.53 -0.12 3.33
C PRO A 18 3.02 -0.30 3.17
N SER A 19 3.66 0.57 2.39
CA SER A 19 5.09 0.49 2.13
C SER A 19 5.96 0.55 3.38
N PRO A 20 6.99 -0.30 3.44
CA PRO A 20 8.03 -0.21 4.48
C PRO A 20 8.62 1.19 4.52
N ASN A 21 8.92 1.69 5.72
CA ASN A 21 9.41 3.05 5.87
C ASN A 21 10.81 3.24 5.30
N TRP A 22 11.06 4.46 4.84
CA TRP A 22 12.32 4.78 4.17
C TRP A 22 13.32 5.41 5.13
N TYR A 23 14.60 5.21 4.83
CA TYR A 23 15.70 5.91 5.50
C TYR A 23 15.83 5.54 6.98
N CYS A 24 15.51 4.31 7.31
CA CYS A 24 15.73 3.79 8.66
C CYS A 24 16.71 2.64 8.59
N ALA A 25 17.83 2.77 9.31
CA ALA A 25 18.89 1.78 9.28
C ALA A 25 18.41 0.40 9.70
N ARG A 26 17.48 0.35 10.64
CA ARG A 26 16.87 -0.91 11.06
C ARG A 26 15.41 -0.73 11.47
N CYS A 27 14.50 -0.72 10.50
CA CYS A 27 13.08 -0.70 10.81
C CYS A 27 12.39 -1.96 10.30
N SER A 28 13.17 -3.02 10.11
CA SER A 28 12.63 -4.34 9.83
C SER A 28 13.59 -5.42 10.35
N ASP A 29 13.05 -6.61 10.60
CA ASP A 29 13.83 -7.71 11.17
C ASP A 29 13.08 -9.04 10.98
N ALA A 30 13.80 -10.14 11.08
CA ALA A 30 13.18 -11.46 10.95
C ALA A 30 13.65 -12.42 12.04
N VAL A 31 12.84 -13.43 12.32
CA VAL A 31 13.20 -14.48 13.27
C VAL A 31 13.06 -15.85 12.62
N PRO A 32 13.84 -16.84 13.08
CA PRO A 32 13.80 -18.21 12.54
C PRO A 32 12.41 -18.83 12.53
N GLY A 33 12.14 -19.66 11.53
CA GLY A 33 10.83 -20.30 11.42
C GLY A 33 10.17 -20.16 10.05
N GLY A 34 9.69 -18.95 9.75
CA GLY A 34 9.81 -17.83 10.66
C GLY A 34 8.92 -16.64 10.39
N LEU A 35 9.20 -15.56 11.09
CA LEU A 35 8.36 -14.37 11.07
C LEU A 35 9.16 -13.14 10.63
N PHE A 36 8.60 -12.40 9.69
CA PHE A 36 9.20 -11.15 9.24
C PHE A 36 8.32 -9.97 9.62
N GLY A 37 8.94 -8.90 10.09
CA GLY A 37 8.22 -7.71 10.47
C GLY A 37 8.85 -6.47 9.86
N PHE A 38 8.04 -5.53 9.41
CA PHE A 38 8.57 -4.28 8.89
C PHE A 38 7.73 -3.09 9.35
N ALA A 39 8.43 -2.00 9.69
CA ALA A 39 7.76 -0.76 10.04
C ALA A 39 7.10 -0.15 8.81
N ALA A 40 5.89 0.34 8.98
CA ALA A 40 5.16 1.02 7.91
C ALA A 40 4.23 2.05 8.53
N ARG A 41 4.48 3.32 8.20
CA ARG A 41 3.77 4.43 8.83
C ARG A 41 3.88 4.33 10.34
N THR A 42 2.75 4.10 11.01
CA THR A 42 2.71 4.08 12.47
C THR A 42 2.61 2.68 13.06
N SER A 43 2.70 1.66 12.21
CA SER A 43 2.54 0.29 12.68
C SER A 43 3.71 -0.59 12.25
N VAL A 44 3.67 -1.86 12.69
CA VAL A 44 4.58 -2.87 12.22
C VAL A 44 3.79 -4.05 11.68
N PHE A 45 4.04 -4.41 10.42
CA PHE A 45 3.31 -5.51 9.81
C PHE A 45 4.10 -6.80 9.84
N LEU A 46 3.45 -7.86 10.31
CA LEU A 46 4.11 -9.15 10.48
C LEU A 46 3.81 -10.08 9.30
N VAL A 47 4.85 -10.71 8.78
CA VAL A 47 4.67 -11.68 7.70
C VAL A 47 5.22 -13.04 8.10
N ARG A 48 4.34 -14.03 8.16
CA ARG A 48 4.76 -15.41 8.35
C ARG A 48 5.37 -15.94 7.05
N VAL A 49 6.54 -16.54 7.14
CA VAL A 49 7.25 -17.04 5.97
C VAL A 49 7.69 -18.49 6.15
N GLY A 50 7.39 -19.32 5.15
CA GLY A 50 7.76 -20.71 5.19
C GLY A 50 6.54 -21.61 5.32
N PRO A 51 6.75 -22.87 5.76
CA PRO A 51 5.69 -23.86 5.96
C PRO A 51 4.55 -23.37 6.85
N GLY A 52 4.87 -22.55 7.85
CA GLY A 52 3.86 -22.04 8.77
C GLY A 52 2.89 -21.05 8.17
N ALA A 53 3.20 -20.57 6.97
CA ALA A 53 2.35 -19.61 6.29
C ALA A 53 1.08 -20.26 5.73
N GLY A 54 1.15 -21.58 5.54
CA GLY A 54 0.01 -22.34 5.06
C GLY A 54 -0.41 -21.92 3.66
N GLU A 55 0.47 -22.17 2.69
CA GLU A 55 0.18 -21.84 1.30
C GLU A 55 0.34 -23.06 0.41
N SER A 56 -0.34 -23.03 -0.74
CA SER A 56 -0.25 -24.12 -1.71
C SER A 56 1.19 -24.30 -2.17
N PRO A 57 1.59 -25.56 -2.43
CA PRO A 57 2.95 -25.90 -2.86
C PRO A 57 3.41 -25.13 -4.09
N GLY A 58 2.47 -24.53 -4.83
CA GLY A 58 2.81 -23.72 -5.99
C GLY A 58 3.03 -22.26 -5.63
N THR A 59 2.10 -21.67 -4.89
CA THR A 59 2.21 -20.28 -4.48
C THR A 59 3.34 -20.09 -3.46
N PRO A 60 4.02 -18.94 -3.52
CA PRO A 60 5.10 -18.60 -2.58
C PRO A 60 4.67 -18.75 -1.12
N PRO A 61 5.54 -19.34 -0.29
CA PRO A 61 5.24 -19.64 1.12
C PRO A 61 5.37 -18.43 2.03
N PHE A 62 4.43 -17.49 1.95
CA PHE A 62 4.39 -16.37 2.89
C PHE A 62 2.96 -15.84 3.02
N ARG A 63 2.70 -15.12 4.11
CA ARG A 63 1.38 -14.54 4.34
C ARG A 63 1.41 -13.44 5.40
N VAL A 64 0.75 -12.33 5.12
CA VAL A 64 0.61 -11.23 6.07
C VAL A 64 -0.37 -11.60 7.16
N ILE A 65 0.13 -11.81 8.37
CA ILE A 65 -0.69 -12.40 9.44
C ILE A 65 -1.14 -11.41 10.52
N GLY A 66 -0.41 -10.31 10.69
CA GLY A 66 -0.73 -9.41 11.78
C GLY A 66 -0.11 -8.03 11.74
N GLU A 67 -0.49 -7.20 12.70
CA GLU A 67 -0.06 -5.81 12.75
C GLU A 67 0.16 -5.36 14.20
N LEU A 68 1.24 -4.62 14.43
CA LEU A 68 1.53 -4.08 15.75
C LEU A 68 1.04 -2.64 15.85
N VAL A 69 -0.11 -2.46 16.50
CA VAL A 69 -0.76 -1.16 16.55
C VAL A 69 -0.62 -0.53 17.92
N GLY A 70 -0.28 0.76 17.95
CA GLY A 70 -0.08 1.45 19.21
C GLY A 70 0.63 2.79 19.09
N HIS A 71 1.65 2.85 18.25
CA HIS A 71 2.38 4.09 18.03
C HIS A 71 1.50 5.12 17.33
N THR A 72 1.71 6.39 17.64
CA THR A 72 0.90 7.46 17.10
C THR A 72 1.64 8.23 16.02
N GLU A 73 2.95 8.01 15.95
CA GLU A 73 3.78 8.64 14.94
C GLU A 73 4.63 7.59 14.21
N ARG A 74 5.35 8.05 13.19
CA ARG A 74 6.20 7.20 12.36
C ARG A 74 7.06 6.22 13.16
N VAL A 75 6.98 4.94 12.83
CA VAL A 75 7.85 3.95 13.45
C VAL A 75 9.22 3.99 12.77
N SER A 76 10.25 4.31 13.56
CA SER A 76 11.58 4.54 13.03
C SER A 76 12.52 3.35 13.22
N GLY A 77 12.11 2.41 14.04
CA GLY A 77 12.95 1.26 14.35
C GLY A 77 12.17 0.04 14.75
N PHE A 78 12.73 -1.12 14.45
CA PHE A 78 12.09 -2.38 14.78
C PHE A 78 13.15 -3.45 14.89
N THR A 79 13.09 -4.24 15.95
CA THR A 79 14.09 -5.28 16.15
C THR A 79 13.49 -6.47 16.90
N PHE A 80 13.76 -7.66 16.38
CA PHE A 80 13.32 -8.88 17.04
C PHE A 80 14.29 -9.29 18.13
N SER A 81 13.77 -9.95 19.16
CA SER A 81 14.60 -10.68 20.09
C SER A 81 15.00 -12.00 19.45
N HIS A 82 16.30 -12.23 19.31
CA HIS A 82 16.80 -13.45 18.71
C HIS A 82 17.24 -14.47 19.76
N HIS A 83 16.69 -14.36 20.96
CA HIS A 83 16.95 -15.33 22.01
C HIS A 83 15.93 -16.47 21.94
N PRO A 84 16.42 -17.72 21.86
CA PRO A 84 15.56 -18.90 21.78
C PRO A 84 14.52 -18.94 22.90
N GLY A 85 13.25 -19.05 22.51
CA GLY A 85 12.17 -19.01 23.47
C GLY A 85 11.48 -17.66 23.48
N GLN A 86 12.20 -16.64 23.03
CA GLN A 86 11.65 -15.28 23.00
C GLN A 86 11.65 -14.67 21.59
N TYR A 87 11.48 -15.52 20.58
CA TYR A 87 11.38 -15.03 19.20
C TYR A 87 10.08 -14.27 19.00
N ASN A 88 9.19 -14.35 19.97
CA ASN A 88 7.91 -13.68 19.93
C ASN A 88 7.96 -12.27 20.54
N LEU A 89 9.13 -11.91 21.06
CA LEU A 89 9.32 -10.58 21.63
C LEU A 89 10.07 -9.66 20.65
N CYS A 90 9.66 -8.40 20.59
CA CYS A 90 10.33 -7.42 19.76
C CYS A 90 10.21 -6.02 20.34
N ALA A 91 10.95 -5.08 19.76
CA ALA A 91 10.95 -3.70 20.23
C ALA A 91 10.86 -2.72 19.06
N THR A 92 10.11 -1.63 19.26
CA THR A 92 9.99 -0.59 18.25
C THR A 92 10.39 0.77 18.80
N SER A 93 10.82 1.66 17.90
CA SER A 93 11.04 3.05 18.23
C SER A 93 10.15 3.92 17.36
N SER A 94 9.71 5.05 17.89
CA SER A 94 8.79 5.90 17.15
C SER A 94 9.10 7.38 17.32
N ASP A 95 8.62 8.18 16.38
CA ASP A 95 8.73 9.62 16.46
C ASP A 95 7.83 10.21 17.53
N ASP A 96 7.01 9.35 18.16
CA ASP A 96 6.20 9.79 19.29
C ASP A 96 7.02 9.78 20.58
N GLY A 97 8.30 9.42 20.46
CA GLY A 97 9.23 9.51 21.57
C GLY A 97 9.34 8.27 22.44
N THR A 98 8.69 7.19 22.05
CA THR A 98 8.61 6.01 22.91
C THR A 98 9.29 4.77 22.34
N VAL A 99 9.78 3.93 23.25
CA VAL A 99 10.27 2.60 22.89
C VAL A 99 9.34 1.56 23.49
N LYS A 100 8.72 0.75 22.63
CA LYS A 100 7.77 -0.26 23.10
C LYS A 100 8.30 -1.67 22.95
N ILE A 101 8.05 -2.50 23.95
CA ILE A 101 8.32 -3.93 23.87
C ILE A 101 7.02 -4.66 23.55
N TRP A 102 7.05 -5.53 22.55
CA TRP A 102 5.82 -6.18 22.07
C TRP A 102 5.82 -7.69 22.24
N ASP A 103 4.61 -8.25 22.28
CA ASP A 103 4.41 -9.69 22.14
C ASP A 103 3.64 -9.92 20.84
N VAL A 104 4.30 -10.52 19.85
CA VAL A 104 3.72 -10.62 18.52
C VAL A 104 2.60 -11.64 18.44
N GLU A 105 2.50 -12.50 19.45
CA GLU A 105 1.46 -13.52 19.46
C GLU A 105 0.13 -12.97 19.98
N THR A 106 0.19 -11.84 20.67
CA THR A 106 -1.01 -11.14 21.13
C THR A 106 -1.12 -9.74 20.55
N LYS A 107 -0.07 -9.32 19.82
CA LYS A 107 0.02 -7.98 19.26
C LYS A 107 -0.17 -6.90 20.34
N THR A 108 0.37 -7.15 21.52
CA THR A 108 0.20 -6.23 22.63
C THR A 108 1.54 -5.74 23.18
N VAL A 109 1.50 -4.65 23.94
CA VAL A 109 2.70 -4.07 24.51
C VAL A 109 3.00 -4.63 25.91
N VAL A 110 4.13 -5.32 26.02
CA VAL A 110 4.61 -5.82 27.30
C VAL A 110 4.93 -4.67 28.25
N THR A 111 5.86 -3.81 27.83
CA THR A 111 6.20 -2.61 28.57
C THR A 111 6.82 -1.58 27.61
N GLU A 112 7.06 -0.37 28.11
CA GLU A 112 7.60 0.69 27.27
C GLU A 112 8.33 1.75 28.08
N HIS A 113 8.96 2.70 27.38
CA HIS A 113 9.58 3.84 28.03
C HIS A 113 9.63 5.06 27.10
N ALA A 114 9.91 6.23 27.69
CA ALA A 114 9.99 7.47 26.94
C ALA A 114 11.21 8.27 27.38
N LEU A 115 12.26 7.54 27.75
CA LEU A 115 13.49 8.12 28.26
C LEU A 115 14.14 9.12 27.31
N HIS A 116 14.00 8.89 26.01
CA HIS A 116 14.59 9.76 25.01
C HIS A 116 13.94 11.13 25.01
N GLN A 117 14.77 12.16 24.92
CA GLN A 117 14.29 13.54 24.95
C GLN A 117 14.37 14.14 23.55
N HIS A 118 14.90 13.37 22.61
CA HIS A 118 15.01 13.80 21.21
C HIS A 118 14.54 12.69 20.29
N THR A 119 14.36 13.01 19.01
CA THR A 119 13.87 12.05 18.03
C THR A 119 14.78 10.84 17.91
N ILE A 120 14.24 9.68 18.24
CA ILE A 120 14.99 8.43 18.18
C ILE A 120 15.38 8.10 16.74
N SER A 121 16.59 7.60 16.57
CA SER A 121 17.09 7.21 15.25
C SER A 121 16.79 5.74 14.98
N THR A 122 17.22 4.89 15.88
CA THR A 122 17.12 3.46 15.71
C THR A 122 17.27 2.73 17.05
N LEU A 123 17.24 1.41 17.02
CA LEU A 123 17.40 0.61 18.22
C LEU A 123 17.77 -0.83 17.87
N HIS A 124 18.28 -1.56 18.85
CA HIS A 124 18.72 -2.94 18.63
C HIS A 124 18.50 -3.79 19.87
N TRP A 125 17.92 -4.96 19.67
CA TRP A 125 17.83 -5.94 20.74
C TRP A 125 19.18 -6.63 20.85
N SER A 126 19.77 -6.64 22.04
CA SER A 126 21.05 -7.30 22.25
C SER A 126 20.95 -8.79 21.92
N PRO A 127 21.87 -9.28 21.08
CA PRO A 127 21.94 -10.72 20.74
C PRO A 127 22.40 -11.57 21.92
N ARG A 128 22.98 -10.94 22.95
CA ARG A 128 23.60 -11.68 24.04
C ARG A 128 22.80 -11.60 25.34
N VAL A 129 22.23 -10.45 25.63
CA VAL A 129 21.42 -10.27 26.84
C VAL A 129 19.94 -10.38 26.52
N LYS A 130 19.24 -11.24 27.27
CA LYS A 130 17.83 -11.55 27.01
C LYS A 130 16.91 -10.34 26.97
N ASP A 131 17.12 -9.39 27.87
CA ASP A 131 16.18 -8.28 28.00
C ASP A 131 16.80 -6.91 27.73
N LEU A 132 17.95 -6.88 27.08
CA LEU A 132 18.62 -5.61 26.78
C LEU A 132 18.17 -5.05 25.42
N ILE A 133 17.76 -3.78 25.42
CA ILE A 133 17.42 -3.08 24.19
C ILE A 133 18.10 -1.71 24.17
N VAL A 134 19.02 -1.53 23.22
CA VAL A 134 19.76 -0.28 23.11
C VAL A 134 19.16 0.62 22.02
N SER A 135 18.95 1.90 22.35
CA SER A 135 18.40 2.85 21.40
C SER A 135 19.21 4.14 21.39
N GLY A 136 19.14 4.88 20.29
CA GLY A 136 19.89 6.12 20.14
C GLY A 136 19.12 7.16 19.34
N ASP A 137 19.22 8.42 19.75
CA ASP A 137 18.47 9.50 19.10
C ASP A 137 19.38 10.43 18.30
N GLU A 138 18.80 11.48 17.74
CA GLU A 138 19.51 12.33 16.78
C GLU A 138 20.42 13.37 17.43
N LYS A 139 20.56 13.33 18.76
CA LYS A 139 21.50 14.20 19.44
C LYS A 139 22.70 13.41 19.95
N GLY A 140 22.70 12.11 19.70
CA GLY A 140 23.80 11.25 20.09
C GLY A 140 23.59 10.58 21.43
N VAL A 141 22.41 10.74 21.99
CA VAL A 141 22.09 10.13 23.27
C VAL A 141 21.73 8.65 23.09
N VAL A 142 22.31 7.80 23.93
CA VAL A 142 22.02 6.37 23.92
C VAL A 142 21.42 5.92 25.25
N PHE A 143 20.27 5.25 25.18
CA PHE A 143 19.69 4.61 26.35
C PHE A 143 19.81 3.09 26.27
N CYS A 144 20.33 2.49 27.34
CA CYS A 144 20.32 1.03 27.45
C CYS A 144 19.15 0.62 28.34
N TYR A 145 18.31 -0.29 27.85
CA TYR A 145 17.07 -0.61 28.52
C TYR A 145 16.90 -2.10 28.77
N TRP A 146 16.81 -2.47 30.05
CA TRP A 146 16.50 -3.83 30.46
C TRP A 146 15.03 -3.91 30.87
N PHE A 147 14.18 -4.37 29.97
CA PHE A 147 12.74 -4.27 30.17
C PHE A 147 12.21 -5.17 31.29
N ASN A 148 12.89 -6.28 31.55
CA ASN A 148 12.42 -7.24 32.54
C ASN A 148 12.50 -6.71 33.96
N ARG A 149 13.62 -6.06 34.29
CA ARG A 149 13.78 -5.46 35.62
C ARG A 149 13.58 -3.94 35.57
N ASN A 150 13.18 -3.44 34.40
CA ASN A 150 12.91 -2.03 34.19
C ASN A 150 14.06 -1.10 34.59
N ASP A 151 15.27 -1.43 34.15
CA ASP A 151 16.44 -0.59 34.42
C ASP A 151 16.82 0.24 33.19
N SER A 152 17.69 1.23 33.38
CA SER A 152 18.12 2.08 32.28
C SER A 152 19.53 2.61 32.51
N GLN A 153 20.10 3.23 31.47
CA GLN A 153 21.41 3.86 31.56
C GLN A 153 21.57 4.96 30.52
N HIS A 154 21.43 6.20 30.96
CA HIS A 154 21.61 7.38 30.12
C HIS A 154 23.07 7.49 29.67
N LEU A 155 23.30 7.49 28.36
CA LEU A 155 24.66 7.61 27.82
C LEU A 155 24.76 8.71 26.76
N PHE A 156 25.99 9.18 26.56
CA PHE A 156 26.29 10.17 25.54
C PHE A 156 27.74 10.00 25.11
N ILE A 157 27.99 9.99 23.81
CA ILE A 157 29.31 9.67 23.31
C ILE A 157 29.91 10.86 22.57
N GLU A 158 29.28 11.25 21.47
CA GLU A 158 29.75 12.38 20.68
C GLU A 158 28.58 13.24 20.25
N PRO A 159 28.78 14.56 20.17
CA PRO A 159 27.72 15.49 19.75
C PRO A 159 27.41 15.37 18.27
N ARG A 160 26.99 14.17 17.85
CA ARG A 160 26.71 13.88 16.45
C ARG A 160 25.43 13.06 16.30
N THR A 161 24.73 13.27 15.19
CA THR A 161 23.50 12.53 14.90
C THR A 161 23.75 11.04 14.69
N ILE A 162 23.09 10.21 15.47
CA ILE A 162 23.18 8.77 15.32
C ILE A 162 22.33 8.30 14.15
N PHE A 163 22.92 7.44 13.31
CA PHE A 163 22.19 6.91 12.16
C PHE A 163 21.90 5.43 12.34
N CYS A 164 22.87 4.68 12.83
CA CYS A 164 22.66 3.26 13.10
C CYS A 164 23.47 2.83 14.31
N LEU A 165 22.99 1.78 14.98
CA LEU A 165 23.79 1.14 16.02
C LEU A 165 23.52 -0.37 16.01
N THR A 166 24.59 -1.14 16.23
CA THR A 166 24.48 -2.59 16.25
C THR A 166 25.27 -3.17 17.42
N CYS A 167 24.57 -3.89 18.30
CA CYS A 167 25.21 -4.61 19.39
C CYS A 167 26.08 -5.74 18.85
N SER A 168 27.21 -5.99 19.52
CA SER A 168 28.05 -7.11 19.17
C SER A 168 27.33 -8.41 19.47
N PRO A 169 27.42 -9.39 18.56
CA PRO A 169 26.84 -10.70 18.78
C PRO A 169 27.72 -11.58 19.65
N HIS A 170 28.90 -11.08 20.01
CA HIS A 170 29.86 -11.87 20.77
C HIS A 170 30.09 -11.32 22.18
N HIS A 171 30.26 -10.00 22.28
CA HIS A 171 30.47 -9.37 23.57
C HIS A 171 29.22 -8.61 24.01
N GLU A 172 28.74 -8.91 25.20
CA GLU A 172 27.50 -8.34 25.71
C GLU A 172 27.62 -6.88 26.16
N ASP A 173 28.81 -6.32 26.01
CA ASP A 173 29.04 -4.95 26.46
C ASP A 173 29.45 -4.03 25.31
N LEU A 174 29.69 -4.61 24.14
CA LEU A 174 30.17 -3.83 23.00
C LEU A 174 29.05 -3.40 22.07
N VAL A 175 29.00 -2.11 21.77
CA VAL A 175 28.00 -1.57 20.85
C VAL A 175 28.66 -0.65 19.82
N ALA A 176 28.39 -0.90 18.55
CA ALA A 176 28.91 -0.06 17.48
C ALA A 176 27.87 0.97 17.07
N ILE A 177 28.28 2.23 16.96
CA ILE A 177 27.38 3.30 16.58
C ILE A 177 27.93 4.05 15.37
N GLY A 178 27.06 4.32 14.39
CA GLY A 178 27.45 5.05 13.20
C GLY A 178 26.76 6.39 13.16
N TYR A 179 27.46 7.42 12.72
CA TYR A 179 26.91 8.77 12.74
C TYR A 179 26.69 9.35 11.35
N LYS A 180 26.08 10.54 11.32
CA LYS A 180 25.71 11.18 10.06
C LYS A 180 26.92 11.67 9.27
N ASP A 181 28.04 11.89 9.96
CA ASP A 181 29.22 12.47 9.33
C ASP A 181 30.27 11.44 8.92
N GLY A 182 30.04 10.17 9.24
CA GLY A 182 30.97 9.13 8.86
C GLY A 182 31.68 8.48 10.03
N ILE A 183 31.60 9.11 11.21
CA ILE A 183 32.23 8.57 12.41
C ILE A 183 31.60 7.25 12.84
N VAL A 184 32.44 6.26 13.14
CA VAL A 184 31.97 5.01 13.71
C VAL A 184 32.70 4.76 15.02
N VAL A 185 31.95 4.50 16.08
CA VAL A 185 32.55 4.23 17.39
C VAL A 185 32.08 2.91 17.96
N ILE A 186 32.97 2.25 18.71
CA ILE A 186 32.61 1.06 19.45
C ILE A 186 32.75 1.34 20.94
N ILE A 187 31.63 1.28 21.66
CA ILE A 187 31.62 1.66 23.06
C ILE A 187 31.38 0.47 23.99
N ASP A 188 31.83 0.61 25.23
CA ASP A 188 31.57 -0.37 26.28
C ASP A 188 30.52 0.21 27.22
N ILE A 189 29.34 -0.40 27.24
CA ILE A 189 28.22 0.12 28.02
C ILE A 189 28.39 -0.16 29.52
N SER A 190 29.25 -1.13 29.86
CA SER A 190 29.55 -1.42 31.25
C SER A 190 30.55 -0.42 31.81
N LYS A 191 31.30 0.24 30.92
CA LYS A 191 32.24 1.27 31.34
C LYS A 191 31.68 2.66 31.06
N LYS A 192 30.39 2.82 31.34
CA LYS A 192 29.71 4.11 31.22
C LYS A 192 29.80 4.70 29.82
N GLY A 193 29.86 3.82 28.82
CA GLY A 193 29.84 4.25 27.42
C GLY A 193 31.17 4.72 26.89
N GLU A 194 32.26 4.21 27.46
CA GLU A 194 33.61 4.59 27.02
C GLU A 194 33.89 4.19 25.58
N VAL A 195 34.40 5.12 24.79
CA VAL A 195 34.79 4.83 23.41
C VAL A 195 36.02 3.95 23.37
N ILE A 196 35.81 2.67 23.05
CA ILE A 196 36.91 1.70 22.98
C ILE A 196 37.71 1.87 21.69
N HIS A 197 37.01 2.00 20.57
CA HIS A 197 37.64 2.23 19.28
C HIS A 197 36.96 3.37 18.54
N ARG A 198 37.76 4.19 17.87
CA ARG A 198 37.22 5.23 17.02
C ARG A 198 37.67 4.99 15.58
N LEU A 199 36.70 4.72 14.70
CA LEU A 199 37.00 4.34 13.33
C LEU A 199 36.75 5.48 12.36
N ARG A 200 37.83 6.09 11.88
CA ARG A 200 37.74 7.16 10.89
C ARG A 200 38.07 6.64 9.50
N GLY A 201 37.37 7.16 8.51
CA GLY A 201 37.57 6.73 7.13
C GLY A 201 36.43 7.16 6.22
N HIS A 202 35.20 6.94 6.68
CA HIS A 202 34.02 7.33 5.91
C HIS A 202 33.84 8.83 5.88
N ASP A 203 33.33 9.36 4.78
CA ASP A 203 33.14 10.79 4.62
C ASP A 203 31.68 11.21 4.71
N ASP A 204 30.78 10.23 4.83
CA ASP A 204 29.35 10.51 4.78
C ASP A 204 28.56 9.54 5.67
N GLU A 205 27.24 9.71 5.69
CA GLU A 205 26.34 8.94 6.54
C GLU A 205 26.66 7.46 6.61
N ILE A 206 26.73 6.93 7.83
CA ILE A 206 26.82 5.49 8.03
C ILE A 206 25.40 4.93 8.02
N HIS A 207 25.16 3.92 7.19
CA HIS A 207 23.83 3.38 7.02
C HIS A 207 23.68 2.05 7.72
N SER A 208 24.77 1.29 7.77
CA SER A 208 24.70 -0.08 8.25
C SER A 208 25.98 -0.50 8.97
N ILE A 209 25.84 -1.31 10.01
CA ILE A 209 26.99 -1.87 10.71
C ILE A 209 26.74 -3.34 10.99
N ALA A 210 27.63 -4.19 10.47
CA ALA A 210 27.54 -5.62 10.71
C ALA A 210 28.84 -6.17 11.28
N TRP A 211 28.73 -6.94 12.36
CA TRP A 211 29.89 -7.64 12.92
C TRP A 211 30.10 -8.95 12.16
N CYS A 212 31.34 -9.41 12.09
CA CYS A 212 31.61 -10.75 11.57
C CYS A 212 30.93 -11.76 12.49
N PRO A 213 30.20 -12.72 11.90
CA PRO A 213 29.44 -13.69 12.68
C PRO A 213 30.34 -14.63 13.48
N LEU A 214 31.62 -14.68 13.13
CA LEU A 214 32.58 -15.52 13.83
C LEU A 214 33.34 -14.73 14.88
N PRO A 215 33.40 -15.28 16.11
CA PRO A 215 34.16 -14.67 17.21
C PRO A 215 35.66 -14.91 17.10
N CYS A 248 38.13 -9.78 16.54
CA CYS A 248 36.82 -9.57 15.93
C CYS A 248 36.89 -8.62 14.74
N TYR A 249 35.94 -8.75 13.83
CA TYR A 249 35.86 -7.87 12.68
C TYR A 249 34.47 -7.25 12.58
N LEU A 250 34.37 -6.09 11.94
CA LEU A 250 33.06 -5.49 11.67
C LEU A 250 33.09 -4.70 10.36
N ALA A 251 31.94 -4.67 9.68
CA ALA A 251 31.82 -3.97 8.41
C ALA A 251 30.88 -2.79 8.52
N THR A 252 31.21 -1.70 7.85
CA THR A 252 30.35 -0.52 7.83
C THR A 252 30.03 -0.12 6.40
N GLY A 253 28.77 0.26 6.16
CA GLY A 253 28.34 0.74 4.86
C GLY A 253 28.00 2.21 4.97
N SER A 254 28.27 2.96 3.90
CA SER A 254 28.12 4.41 3.96
C SER A 254 27.58 5.00 2.67
N LYS A 255 27.06 6.23 2.76
CA LYS A 255 26.61 6.96 1.59
C LYS A 255 27.79 7.34 0.69
N ASP A 256 29.01 7.31 1.22
CA ASP A 256 30.20 7.64 0.43
C ASP A 256 30.58 6.53 -0.54
N GLN A 257 29.66 5.56 -0.70
CA GLN A 257 29.73 4.51 -1.71
C GLN A 257 30.78 3.45 -1.38
N THR A 258 31.29 3.46 -0.15
CA THR A 258 32.28 2.47 0.24
C THR A 258 31.80 1.58 1.37
N ILE A 259 32.29 0.35 1.38
CA ILE A 259 32.16 -0.55 2.51
C ILE A 259 33.54 -0.69 3.14
N ARG A 260 33.61 -0.65 4.47
CA ARG A 260 34.89 -0.75 5.15
C ARG A 260 34.90 -1.85 6.20
N ILE A 261 35.92 -2.71 6.13
CA ILE A 261 36.09 -3.76 7.11
C ILE A 261 37.20 -3.35 8.08
N TRP A 262 36.92 -3.44 9.38
CA TRP A 262 37.84 -2.97 10.40
C TRP A 262 38.31 -4.11 11.30
N SER A 263 39.47 -3.93 11.90
CA SER A 263 39.98 -4.89 12.88
C SER A 263 39.96 -4.27 14.28
N CYS A 264 39.30 -4.95 15.21
CA CYS A 264 39.18 -4.46 16.58
C CYS A 264 40.52 -4.45 17.30
N SER A 265 41.38 -5.41 16.96
CA SER A 265 42.69 -5.55 17.59
C SER A 265 43.56 -4.32 17.33
N ARG A 266 43.62 -3.90 16.07
CA ARG A 266 44.44 -2.76 15.68
C ARG A 266 43.64 -1.46 15.66
N GLY A 267 42.32 -1.58 15.71
CA GLY A 267 41.45 -0.41 15.65
C GLY A 267 41.57 0.33 14.33
N ARG A 268 42.03 -0.38 13.30
CA ARG A 268 42.30 0.21 12.01
C ARG A 268 41.53 -0.51 10.90
N GLY A 269 41.39 0.13 9.75
CA GLY A 269 40.74 -0.49 8.61
C GLY A 269 41.66 -1.45 7.90
N VAL A 270 41.11 -2.58 7.46
CA VAL A 270 41.89 -3.60 6.78
C VAL A 270 41.45 -3.77 5.32
N MET A 271 40.30 -3.19 4.99
CA MET A 271 39.75 -3.35 3.64
C MET A 271 38.76 -2.25 3.28
N ILE A 272 38.83 -1.80 2.04
CA ILE A 272 37.91 -0.80 1.53
C ILE A 272 37.27 -1.30 0.23
N LEU A 273 35.95 -1.41 0.25
CA LEU A 273 35.20 -1.87 -0.93
C LEU A 273 34.32 -0.75 -1.45
N LYS A 274 34.64 -0.23 -2.63
CA LYS A 274 33.82 0.81 -3.24
C LYS A 274 32.83 0.19 -4.22
N LEU A 275 31.61 0.71 -4.21
CA LEU A 275 30.54 0.19 -5.06
C LEU A 275 30.87 0.32 -6.54
N PRO A 276 30.61 -0.74 -7.31
CA PRO A 276 30.81 -0.70 -8.76
C PRO A 276 29.78 0.19 -9.42
N PHE A 277 30.16 0.85 -10.51
CA PHE A 277 29.23 1.67 -11.26
C PHE A 277 28.58 0.81 -12.34
N LEU A 278 27.57 0.04 -11.93
CA LEU A 278 26.96 -0.97 -12.78
C LEU A 278 26.00 -0.39 -13.81
N LYS A 279 25.43 -1.26 -14.64
CA LYS A 279 24.54 -0.87 -15.70
C LYS A 279 23.07 -1.04 -15.31
N ARG A 280 22.23 -0.12 -15.77
CA ARG A 280 20.79 -0.17 -15.50
C ARG A 280 20.16 -1.46 -16.03
N ARG A 281 19.14 -1.94 -15.31
CA ARG A 281 18.41 -3.14 -15.74
C ARG A 281 16.91 -2.93 -15.63
N VAL A 289 16.22 11.26 -12.99
CA VAL A 289 16.02 10.43 -11.81
C VAL A 289 17.18 10.59 -10.83
N LYS A 290 17.12 11.65 -10.02
CA LYS A 290 18.17 11.91 -9.03
C LYS A 290 17.90 11.14 -7.73
N GLU A 291 18.61 10.03 -7.56
CA GLU A 291 18.37 9.16 -6.40
C GLU A 291 19.64 8.95 -5.59
N ARG A 292 19.59 9.31 -4.32
CA ARG A 292 20.72 9.13 -3.41
C ARG A 292 20.88 7.66 -3.03
N LEU A 293 22.08 7.31 -2.58
CA LEU A 293 22.41 5.92 -2.27
C LEU A 293 22.07 5.53 -0.84
N TRP A 294 21.62 4.29 -0.65
CA TRP A 294 21.57 3.70 0.69
C TRP A 294 22.34 2.40 0.67
N LEU A 295 23.36 2.31 1.52
CA LEU A 295 24.27 1.18 1.51
C LEU A 295 24.16 0.37 2.79
N THR A 296 23.31 -0.65 2.75
CA THR A 296 23.09 -1.50 3.90
C THR A 296 23.79 -2.84 3.70
N LEU A 297 23.97 -3.57 4.79
CA LEU A 297 24.81 -4.76 4.77
C LEU A 297 24.15 -5.97 5.43
N HIS A 298 24.58 -7.15 5.01
CA HIS A 298 24.27 -8.38 5.73
C HIS A 298 25.46 -9.32 5.70
N TRP A 299 25.88 -9.77 6.88
CA TRP A 299 26.99 -10.69 7.00
C TRP A 299 26.47 -12.06 7.39
N PRO A 300 26.29 -12.95 6.39
CA PRO A 300 25.70 -14.28 6.61
C PRO A 300 26.54 -15.15 7.52
N SER A 301 25.93 -15.73 8.54
CA SER A 301 26.64 -16.56 9.50
C SER A 301 27.11 -17.87 8.86
N ASN A 302 26.42 -18.30 7.81
CA ASN A 302 26.81 -19.49 7.07
C ASN A 302 28.08 -19.29 6.27
N GLN A 303 28.24 -18.09 5.71
CA GLN A 303 29.38 -17.79 4.85
C GLN A 303 30.15 -16.56 5.35
N PRO A 304 30.92 -16.72 6.43
CA PRO A 304 31.65 -15.61 7.06
C PRO A 304 32.66 -14.94 6.13
N THR A 305 32.98 -15.58 5.02
CA THR A 305 33.91 -15.03 4.05
C THR A 305 33.18 -14.18 3.00
N GLN A 306 31.86 -14.13 3.13
CA GLN A 306 31.03 -13.38 2.18
C GLN A 306 30.28 -12.26 2.88
N LEU A 307 30.01 -11.19 2.14
CA LEU A 307 29.26 -10.06 2.69
C LEU A 307 28.26 -9.52 1.68
N VAL A 308 27.00 -9.49 2.07
CA VAL A 308 25.95 -8.99 1.18
C VAL A 308 25.71 -7.50 1.42
N SER A 309 25.58 -6.76 0.33
CA SER A 309 25.31 -5.33 0.43
C SER A 309 24.32 -4.86 -0.63
N SER A 310 23.71 -3.70 -0.40
CA SER A 310 22.90 -3.07 -1.43
C SER A 310 23.84 -2.25 -2.32
N CYS A 311 23.30 -1.70 -3.39
CA CYS A 311 24.11 -0.94 -4.34
C CYS A 311 23.28 0.15 -4.98
N PHE A 312 23.84 0.82 -5.98
CA PHE A 312 23.08 1.80 -6.75
C PHE A 312 21.88 1.12 -7.38
N GLY A 313 20.75 1.82 -7.41
CA GLY A 313 19.56 1.32 -8.07
C GLY A 313 18.87 0.15 -7.39
N GLY A 314 19.31 -0.18 -6.18
CA GLY A 314 18.69 -1.27 -5.43
C GLY A 314 19.19 -2.64 -5.86
N GLU A 315 20.29 -2.67 -6.59
CA GLU A 315 20.96 -3.93 -6.90
C GLU A 315 21.54 -4.51 -5.62
N LEU A 316 21.54 -5.83 -5.51
CA LEU A 316 22.16 -6.48 -4.37
C LEU A 316 23.45 -7.19 -4.80
N LEU A 317 24.47 -7.10 -3.95
CA LEU A 317 25.78 -7.65 -4.26
C LEU A 317 26.25 -8.64 -3.19
N GLN A 318 26.98 -9.65 -3.62
CA GLN A 318 27.64 -10.56 -2.68
C GLN A 318 29.15 -10.47 -2.85
N TRP A 319 29.82 -9.92 -1.84
CA TRP A 319 31.26 -9.70 -1.91
C TRP A 319 32.05 -10.88 -1.39
N ASP A 320 32.97 -11.38 -2.20
CA ASP A 320 33.92 -12.38 -1.75
C ASP A 320 35.08 -11.68 -1.07
N LEU A 321 35.20 -11.86 0.24
CA LEU A 321 36.19 -11.13 1.03
C LEU A 321 37.59 -11.74 0.96
N THR A 322 37.67 -12.99 0.51
CA THR A 322 38.96 -13.65 0.33
C THR A 322 39.69 -13.04 -0.87
N GLN A 323 38.95 -12.81 -1.95
CA GLN A 323 39.45 -12.06 -3.09
C GLN A 323 39.46 -10.56 -2.78
N SER A 324 40.31 -10.17 -1.83
CA SER A 324 40.34 -8.81 -1.32
C SER A 324 40.72 -7.79 -2.40
N TRP A 325 41.92 -7.95 -2.97
CA TRP A 325 42.42 -7.04 -4.00
C TRP A 325 41.59 -7.12 -5.27
N ARG A 326 40.96 -8.26 -5.51
CA ARG A 326 40.12 -8.45 -6.68
C ARG A 326 38.77 -7.75 -6.53
N ARG A 327 38.47 -7.31 -5.31
CA ARG A 327 37.16 -6.76 -4.91
C ARG A 327 36.00 -7.47 -5.63
N LYS A 328 36.12 -8.78 -5.76
CA LYS A 328 35.17 -9.56 -6.53
C LYS A 328 33.80 -9.63 -5.86
N TYR A 329 32.77 -9.40 -6.66
CA TYR A 329 31.39 -9.45 -6.18
C TYR A 329 30.54 -10.26 -7.15
N THR A 330 29.36 -10.67 -6.69
CA THR A 330 28.42 -11.37 -7.54
C THR A 330 27.05 -10.68 -7.47
N LEU A 331 26.53 -10.29 -8.64
CA LEU A 331 25.24 -9.63 -8.72
C LEU A 331 24.10 -10.59 -8.39
N PHE A 332 23.22 -10.18 -7.48
CA PHE A 332 22.01 -10.95 -7.17
C PHE A 332 21.12 -11.04 -8.41
N SER A 333 20.61 -12.24 -8.68
CA SER A 333 19.79 -12.49 -9.85
C SER A 333 20.50 -11.97 -11.11
N ALA A 334 21.76 -12.36 -11.26
CA ALA A 334 22.61 -11.86 -12.33
C ALA A 334 22.12 -12.30 -13.71
N SER A 335 21.48 -13.45 -13.76
CA SER A 335 21.02 -14.02 -15.02
C SER A 335 19.61 -13.52 -15.39
N SER A 336 18.71 -13.52 -14.42
CA SER A 336 17.33 -13.13 -14.67
C SER A 336 17.15 -11.62 -14.71
N GLU A 337 16.19 -11.17 -15.51
CA GLU A 337 15.92 -9.75 -15.66
C GLU A 337 14.59 -9.34 -15.01
N GLY A 338 14.60 -8.23 -14.29
CA GLY A 338 13.39 -7.69 -13.71
C GLY A 338 13.03 -8.27 -12.36
N GLN A 339 13.87 -9.16 -11.86
CA GLN A 339 13.66 -9.74 -10.53
C GLN A 339 14.30 -8.86 -9.47
N ASN A 340 15.22 -8.01 -9.90
CA ASN A 340 15.93 -7.10 -9.03
C ASN A 340 15.12 -5.85 -8.70
N HIS A 341 15.42 -5.22 -7.57
CA HIS A 341 14.81 -3.95 -7.20
C HIS A 341 15.12 -2.87 -8.25
N SER A 342 14.30 -1.83 -8.30
CA SER A 342 14.50 -0.76 -9.27
C SER A 342 14.87 0.55 -8.59
N ARG A 343 14.74 0.59 -7.27
CA ARG A 343 15.19 1.73 -6.48
C ARG A 343 15.94 1.21 -5.25
N ILE A 344 16.63 2.10 -4.55
CA ILE A 344 17.54 1.72 -3.47
C ILE A 344 16.92 0.81 -2.41
N VAL A 345 17.77 -0.02 -1.81
CA VAL A 345 17.37 -0.96 -0.77
C VAL A 345 17.79 -0.43 0.60
N PHE A 346 16.90 -0.53 1.58
CA PHE A 346 17.15 0.00 2.91
C PHE A 346 17.56 -1.07 3.93
N ASN A 347 16.82 -2.17 3.99
CA ASN A 347 17.10 -3.19 4.98
C ASN A 347 17.25 -4.60 4.39
N LEU A 348 18.05 -5.41 5.07
CA LEU A 348 18.26 -6.82 4.71
C LEU A 348 18.15 -7.68 5.96
N CYS A 349 17.28 -8.68 5.92
CA CYS A 349 17.01 -9.51 7.10
C CYS A 349 17.13 -10.99 6.77
N PRO A 350 18.06 -11.69 7.44
CA PRO A 350 18.20 -13.14 7.25
C PRO A 350 17.05 -13.90 7.90
N LEU A 351 16.50 -14.87 7.18
CA LEU A 351 15.44 -15.71 7.73
C LEU A 351 15.66 -17.15 7.30
N GLN A 352 15.98 -18.01 8.26
CA GLN A 352 16.05 -19.43 7.99
C GLN A 352 14.70 -20.07 8.34
N THR A 353 14.12 -20.77 7.38
CA THR A 353 12.84 -21.43 7.60
C THR A 353 13.04 -22.77 8.31
N GLU A 354 11.94 -23.37 8.74
CA GLU A 354 11.99 -24.65 9.44
C GLU A 354 12.41 -25.80 8.53
N ASP A 355 12.25 -25.64 7.22
CA ASP A 355 12.77 -26.62 6.27
C ASP A 355 14.17 -26.22 5.77
N ASP A 356 14.90 -25.51 6.63
CA ASP A 356 16.30 -25.18 6.42
C ASP A 356 16.60 -24.47 5.09
N LYS A 357 15.82 -23.44 4.77
CA LYS A 357 16.10 -22.62 3.59
C LYS A 357 16.70 -21.29 4.02
N GLN A 358 17.85 -20.95 3.44
CA GLN A 358 18.51 -19.68 3.74
C GLN A 358 17.89 -18.54 2.94
N LEU A 359 17.04 -17.76 3.60
CA LEU A 359 16.34 -16.66 2.93
C LEU A 359 16.84 -15.29 3.39
N LEU A 360 16.74 -14.32 2.50
CA LEU A 360 17.10 -12.94 2.79
C LEU A 360 15.98 -12.01 2.31
N LEU A 361 15.49 -11.15 3.21
CA LEU A 361 14.41 -10.25 2.87
C LEU A 361 14.88 -8.80 2.70
N SER A 362 14.49 -8.18 1.60
CA SER A 362 14.91 -6.81 1.31
C SER A 362 13.71 -5.86 1.26
N THR A 363 13.91 -4.65 1.78
CA THR A 363 12.92 -3.60 1.67
C THR A 363 13.49 -2.49 0.79
N SER A 364 12.64 -1.89 -0.02
CA SER A 364 13.13 -0.96 -1.03
C SER A 364 12.27 0.28 -1.21
N MET A 365 12.88 1.30 -1.81
CA MET A 365 12.17 2.52 -2.17
C MET A 365 11.18 2.24 -3.31
N ASP A 366 11.42 1.17 -4.07
CA ASP A 366 10.48 0.80 -5.14
C ASP A 366 9.21 0.16 -4.58
N ARG A 367 9.11 0.13 -3.25
CA ARG A 367 7.90 -0.28 -2.53
C ARG A 367 7.63 -1.78 -2.60
N ASP A 368 8.56 -2.54 -3.16
CA ASP A 368 8.47 -3.98 -3.10
C ASP A 368 9.20 -4.53 -1.88
N VAL A 369 8.69 -5.63 -1.34
CA VAL A 369 9.43 -6.44 -0.39
C VAL A 369 9.78 -7.75 -1.08
N LYS A 370 11.08 -8.00 -1.23
CA LYS A 370 11.51 -9.19 -1.93
C LYS A 370 12.16 -10.20 -1.00
N CYS A 371 12.04 -11.47 -1.37
CA CYS A 371 12.67 -12.54 -0.62
C CYS A 371 13.63 -13.29 -1.53
N TRP A 372 14.90 -13.36 -1.12
CA TRP A 372 15.91 -14.00 -1.92
C TRP A 372 16.33 -15.32 -1.30
N ASP A 373 16.62 -16.31 -2.16
CA ASP A 373 17.29 -17.52 -1.73
C ASP A 373 18.79 -17.29 -1.78
N ILE A 374 19.44 -17.33 -0.62
CA ILE A 374 20.87 -17.01 -0.52
C ILE A 374 21.73 -18.05 -1.25
N ALA A 375 21.25 -19.30 -1.29
CA ALA A 375 21.97 -20.37 -1.95
C ALA A 375 22.08 -20.13 -3.46
N THR A 376 21.05 -19.53 -4.05
CA THR A 376 21.02 -19.30 -5.49
C THR A 376 21.14 -17.82 -5.88
N LEU A 377 21.01 -16.94 -4.90
CA LEU A 377 20.97 -15.50 -5.12
C LEU A 377 19.86 -15.10 -6.10
N GLU A 378 18.76 -15.85 -6.07
CA GLU A 378 17.61 -15.56 -6.91
C GLU A 378 16.43 -15.11 -6.05
N CYS A 379 15.54 -14.33 -6.66
CA CYS A 379 14.38 -13.81 -5.96
C CYS A 379 13.28 -14.85 -5.87
N SER A 380 13.01 -15.31 -4.65
CA SER A 380 11.97 -16.30 -4.42
C SER A 380 10.58 -15.73 -4.69
N TRP A 381 10.28 -14.58 -4.10
CA TRP A 381 9.00 -13.92 -4.34
C TRP A 381 9.03 -12.43 -4.03
N THR A 382 7.91 -11.78 -4.29
CA THR A 382 7.79 -10.34 -4.11
C THR A 382 6.44 -9.95 -3.52
N LEU A 383 6.46 -9.21 -2.42
CA LEU A 383 5.26 -8.64 -1.82
C LEU A 383 5.19 -7.14 -2.09
N PRO A 384 4.33 -6.73 -3.03
CA PRO A 384 4.18 -5.29 -3.31
C PRO A 384 3.49 -4.56 -2.16
N SER A 385 3.61 -3.23 -2.16
CA SER A 385 3.01 -2.43 -1.10
C SER A 385 2.52 -1.08 -1.62
N LEU A 386 1.68 -0.43 -0.85
CA LEU A 386 1.08 0.84 -1.25
C LEU A 386 1.69 2.02 -0.49
N GLY A 387 1.98 3.10 -1.21
CA GLY A 387 2.57 4.28 -0.61
C GLY A 387 1.57 5.37 -0.31
N GLY A 388 0.29 5.07 -0.49
CA GLY A 388 -0.76 6.04 -0.26
C GLY A 388 -2.14 5.41 -0.15
N PHE A 389 -3.15 6.26 0.02
CA PHE A 389 -4.54 5.83 0.12
C PHE A 389 -4.91 4.91 -1.04
N ALA A 390 -5.75 3.91 -0.76
CA ALA A 390 -6.33 3.11 -1.82
C ALA A 390 -7.68 3.72 -2.19
N TYR A 391 -7.69 4.54 -3.24
CA TYR A 391 -8.86 5.32 -3.60
C TYR A 391 -9.90 4.55 -4.41
N SER A 392 -9.46 3.87 -5.46
CA SER A 392 -10.38 3.19 -6.36
C SER A 392 -9.97 1.76 -6.69
N LEU A 393 -10.96 0.91 -6.89
CA LEU A 393 -10.77 -0.45 -7.34
C LEU A 393 -11.67 -0.71 -8.54
N ALA A 394 -11.11 -1.31 -9.59
CA ALA A 394 -11.90 -1.57 -10.80
C ALA A 394 -11.47 -2.86 -11.50
N PHE A 395 -12.43 -3.75 -11.70
CA PHE A 395 -12.18 -4.98 -12.46
C PHE A 395 -12.51 -4.78 -13.94
N SER A 396 -11.69 -5.35 -14.81
CA SER A 396 -11.93 -5.26 -16.25
C SER A 396 -13.02 -6.24 -16.67
N SER A 397 -13.86 -5.82 -17.61
CA SER A 397 -14.90 -6.67 -18.16
C SER A 397 -14.36 -7.51 -19.32
N VAL A 398 -13.17 -7.14 -19.80
CA VAL A 398 -12.51 -7.90 -20.85
C VAL A 398 -11.55 -8.90 -20.23
N ASP A 399 -10.50 -8.38 -19.60
CA ASP A 399 -9.59 -9.21 -18.83
C ASP A 399 -10.19 -9.42 -17.45
N ILE A 400 -11.00 -10.45 -17.33
CA ILE A 400 -11.92 -10.63 -16.20
C ILE A 400 -11.29 -10.55 -14.81
N GLY A 401 -10.10 -11.10 -14.64
CA GLY A 401 -9.45 -11.11 -13.33
C GLY A 401 -8.50 -9.95 -13.06
N SER A 402 -8.44 -9.00 -13.99
CA SER A 402 -7.49 -7.90 -13.88
C SER A 402 -8.02 -6.75 -13.01
N LEU A 403 -7.41 -6.57 -11.85
CA LEU A 403 -7.86 -5.56 -10.89
C LEU A 403 -6.93 -4.34 -10.88
N ALA A 404 -7.47 -3.20 -11.30
CA ALA A 404 -6.72 -1.94 -11.27
C ALA A 404 -6.93 -1.24 -9.93
N ILE A 405 -5.83 -0.77 -9.33
CA ILE A 405 -5.88 -0.08 -8.05
C ILE A 405 -5.32 1.34 -8.13
N GLY A 406 -6.17 2.32 -7.79
CA GLY A 406 -5.74 3.71 -7.79
C GLY A 406 -5.17 4.10 -6.44
N VAL A 407 -3.89 4.46 -6.42
CA VAL A 407 -3.20 4.71 -5.15
C VAL A 407 -2.71 6.16 -5.05
N GLY A 408 -2.59 6.65 -3.82
CA GLY A 408 -2.17 8.02 -3.57
C GLY A 408 -0.68 8.29 -3.68
N ASP A 409 0.09 7.34 -4.21
CA ASP A 409 1.51 7.57 -4.41
C ASP A 409 1.84 7.76 -5.89
N GLY A 410 0.81 7.93 -6.71
CA GLY A 410 1.00 8.26 -8.12
C GLY A 410 1.29 7.07 -9.00
N MET A 411 1.04 5.87 -8.49
CA MET A 411 1.26 4.68 -9.29
C MET A 411 0.02 3.83 -9.40
N ILE A 412 -0.37 3.52 -10.63
CA ILE A 412 -1.47 2.61 -10.87
C ILE A 412 -0.98 1.17 -10.73
N ARG A 413 -1.67 0.39 -9.91
CA ARG A 413 -1.38 -1.04 -9.80
C ARG A 413 -2.40 -1.83 -10.62
N VAL A 414 -1.93 -2.83 -11.35
CA VAL A 414 -2.83 -3.79 -11.96
C VAL A 414 -2.55 -5.17 -11.39
N TRP A 415 -3.48 -5.66 -10.60
CA TRP A 415 -3.34 -6.93 -9.91
C TRP A 415 -3.98 -8.05 -10.72
N ASN A 416 -3.15 -8.95 -11.25
CA ASN A 416 -3.68 -10.14 -11.89
C ASN A 416 -4.09 -11.15 -10.84
N THR A 417 -5.37 -11.10 -10.47
CA THR A 417 -5.88 -11.89 -9.36
C THR A 417 -6.04 -13.37 -9.72
N LEU A 418 -5.76 -13.72 -10.96
CA LEU A 418 -5.99 -15.09 -11.42
C LEU A 418 -4.70 -15.89 -11.60
N SER A 419 -3.56 -15.29 -11.27
CA SER A 419 -2.30 -16.01 -11.32
C SER A 419 -2.33 -17.18 -10.34
N ILE A 420 -2.04 -18.38 -10.85
CA ILE A 420 -2.12 -19.61 -10.06
C ILE A 420 -0.86 -19.81 -9.22
N LYS A 421 0.26 -19.32 -9.73
CA LYS A 421 1.55 -19.52 -9.09
C LYS A 421 1.98 -18.31 -8.26
N ASN A 422 1.17 -17.25 -8.28
CA ASN A 422 1.53 -16.00 -7.64
C ASN A 422 0.32 -15.23 -7.10
N ASN A 423 0.22 -15.14 -5.78
CA ASN A 423 -0.89 -14.46 -5.13
C ASN A 423 -0.78 -12.93 -5.18
N TYR A 424 0.37 -12.42 -5.62
CA TYR A 424 0.57 -10.98 -5.67
C TYR A 424 1.19 -10.53 -6.99
N ASP A 425 0.64 -11.06 -8.08
CA ASP A 425 1.07 -10.68 -9.43
C ASP A 425 0.58 -9.26 -9.73
N VAL A 426 1.41 -8.26 -9.42
CA VAL A 426 0.99 -6.86 -9.53
C VAL A 426 1.93 -6.02 -10.40
N LYS A 427 1.37 -5.40 -11.44
CA LYS A 427 2.15 -4.52 -12.32
C LYS A 427 2.02 -3.05 -11.92
N ASN A 428 3.13 -2.32 -12.03
CA ASN A 428 3.16 -0.89 -11.71
C ASN A 428 3.16 -0.02 -12.96
N PHE A 429 2.40 1.06 -12.91
CA PHE A 429 2.40 2.04 -14.00
C PHE A 429 2.49 3.46 -13.43
N TRP A 430 3.62 4.11 -13.67
CA TRP A 430 3.87 5.44 -13.12
C TRP A 430 4.00 6.51 -14.21
N GLN A 431 3.90 6.09 -15.46
CA GLN A 431 4.07 7.01 -16.58
C GLN A 431 3.00 8.09 -16.62
N GLY A 432 3.43 9.35 -16.63
CA GLY A 432 2.54 10.49 -16.76
C GLY A 432 1.46 10.58 -15.69
N VAL A 433 1.75 10.08 -14.50
CA VAL A 433 0.79 10.13 -13.41
C VAL A 433 1.24 11.08 -12.30
N LYS A 434 2.35 10.74 -11.64
CA LYS A 434 2.90 11.52 -10.53
C LYS A 434 1.92 11.74 -9.38
N SER A 435 0.83 12.44 -9.65
CA SER A 435 -0.17 12.76 -8.63
C SER A 435 -1.03 11.55 -8.25
N LYS A 436 -1.84 11.72 -7.22
CA LYS A 436 -2.68 10.64 -6.69
C LYS A 436 -3.77 10.21 -7.68
N VAL A 437 -3.89 8.90 -7.90
CA VAL A 437 -4.94 8.37 -8.76
C VAL A 437 -6.21 8.13 -7.96
N THR A 438 -7.24 8.93 -8.23
CA THR A 438 -8.44 8.92 -7.40
C THR A 438 -9.65 8.32 -8.13
N ALA A 439 -9.46 7.93 -9.38
CA ALA A 439 -10.54 7.32 -10.15
C ALA A 439 -9.99 6.37 -11.20
N LEU A 440 -10.69 5.25 -11.40
CA LEU A 440 -10.29 4.25 -12.38
C LEU A 440 -11.50 3.63 -13.06
N CYS A 441 -11.38 3.37 -14.36
CA CYS A 441 -12.40 2.61 -15.06
C CYS A 441 -11.82 1.94 -16.29
N TRP A 442 -11.82 0.61 -16.31
CA TRP A 442 -11.37 -0.13 -17.47
C TRP A 442 -12.28 0.14 -18.67
N HIS A 443 -11.70 0.09 -19.86
CA HIS A 443 -12.52 0.13 -21.07
C HIS A 443 -13.39 -1.13 -21.10
N PRO A 444 -14.67 -0.97 -21.42
CA PRO A 444 -15.62 -2.10 -21.41
C PRO A 444 -15.36 -3.19 -22.46
N THR A 445 -14.66 -2.86 -23.54
CA THR A 445 -14.46 -3.82 -24.62
C THR A 445 -13.00 -3.96 -25.06
N LYS A 446 -12.21 -2.90 -24.89
CA LYS A 446 -10.81 -2.94 -25.30
C LYS A 446 -9.89 -3.37 -24.16
N GLU A 447 -9.35 -4.58 -24.27
CA GLU A 447 -8.47 -5.14 -23.25
C GLU A 447 -7.21 -4.30 -23.06
N GLY A 448 -6.80 -4.16 -21.81
CA GLY A 448 -5.58 -3.45 -21.48
C GLY A 448 -5.67 -1.94 -21.54
N CYS A 449 -6.87 -1.43 -21.82
CA CYS A 449 -7.08 0.01 -21.87
C CYS A 449 -7.78 0.50 -20.61
N LEU A 450 -7.07 1.33 -19.84
CA LEU A 450 -7.58 1.78 -18.55
C LEU A 450 -7.73 3.29 -18.50
N ALA A 451 -8.88 3.76 -18.04
CA ALA A 451 -9.10 5.18 -17.81
C ALA A 451 -8.74 5.53 -16.38
N PHE A 452 -8.09 6.67 -16.18
CA PHE A 452 -7.72 7.09 -14.84
C PHE A 452 -7.87 8.59 -14.65
N GLY A 453 -8.16 8.99 -13.42
CA GLY A 453 -8.26 10.39 -13.07
C GLY A 453 -7.46 10.68 -11.81
N THR A 454 -6.93 11.91 -11.72
CA THR A 454 -6.10 12.27 -10.58
C THR A 454 -6.71 13.40 -9.76
N ASP A 455 -6.15 13.63 -8.58
CA ASP A 455 -6.65 14.64 -7.65
C ASP A 455 -6.43 16.07 -8.15
N ASP A 456 -5.51 16.24 -9.10
CA ASP A 456 -5.32 17.54 -9.72
C ASP A 456 -6.08 17.64 -11.04
N GLY A 457 -7.22 16.96 -11.11
CA GLY A 457 -8.14 17.12 -12.22
C GLY A 457 -7.77 16.48 -13.56
N LYS A 458 -6.65 15.78 -13.62
CA LYS A 458 -6.22 15.14 -14.86
C LYS A 458 -7.05 13.91 -15.19
N VAL A 459 -7.26 13.68 -16.49
CA VAL A 459 -7.94 12.49 -16.99
C VAL A 459 -7.11 11.86 -18.09
N GLY A 460 -6.81 10.56 -17.96
CA GLY A 460 -5.91 9.92 -18.90
C GLY A 460 -6.33 8.55 -19.42
N LEU A 461 -5.68 8.12 -20.49
CA LEU A 461 -5.91 6.81 -21.08
C LEU A 461 -4.62 6.01 -21.14
N TYR A 462 -4.55 4.96 -20.35
CA TYR A 462 -3.33 4.16 -20.25
C TYR A 462 -3.51 2.81 -20.93
N ASP A 463 -2.54 2.44 -21.76
CA ASP A 463 -2.51 1.12 -22.36
C ASP A 463 -1.52 0.23 -21.60
N THR A 464 -2.05 -0.77 -20.91
CA THR A 464 -1.25 -1.61 -20.02
C THR A 464 -0.62 -2.79 -20.75
N TYR A 465 -1.13 -3.11 -21.94
CA TYR A 465 -0.58 -4.20 -22.74
C TYR A 465 0.76 -3.80 -23.36
N SER A 466 0.92 -2.50 -23.57
CA SER A 466 2.16 -1.97 -24.13
C SER A 466 2.86 -1.06 -23.13
N ASN A 467 3.93 -0.40 -23.59
CA ASN A 467 4.65 0.56 -22.77
C ASN A 467 4.43 1.98 -23.28
N LYS A 468 3.39 2.17 -24.07
CA LYS A 468 3.03 3.49 -24.60
C LYS A 468 2.70 4.44 -23.46
N PRO A 469 3.28 5.66 -23.51
CA PRO A 469 2.91 6.70 -22.54
C PRO A 469 1.42 7.02 -22.64
N PRO A 470 0.76 7.20 -21.50
CA PRO A 470 -0.69 7.45 -21.49
C PRO A 470 -1.07 8.77 -22.15
N GLN A 471 -2.16 8.76 -22.91
CA GLN A 471 -2.70 9.99 -23.48
C GLN A 471 -3.36 10.81 -22.38
N ILE A 472 -2.93 12.06 -22.22
CA ILE A 472 -3.53 12.93 -21.23
C ILE A 472 -4.48 13.93 -21.90
N SER A 473 -5.74 13.91 -21.48
CA SER A 473 -6.74 14.84 -21.99
C SER A 473 -6.33 16.29 -21.76
N SER A 474 -6.58 17.13 -22.76
CA SER A 474 -6.22 18.54 -22.67
CA SER A 474 -6.22 18.55 -22.67
C SER A 474 -7.12 19.28 -21.68
N THR A 475 -8.42 18.97 -21.73
CA THR A 475 -9.38 19.58 -20.82
C THR A 475 -9.36 18.85 -19.48
N TYR A 476 -9.22 19.60 -18.39
CA TYR A 476 -9.17 18.99 -17.06
C TYR A 476 -10.04 19.73 -16.04
N HIS A 477 -10.43 19.02 -14.98
CA HIS A 477 -11.31 19.55 -13.95
C HIS A 477 -10.56 20.45 -12.97
N LYS A 478 -11.28 21.38 -12.35
CA LYS A 478 -10.67 22.31 -11.41
C LYS A 478 -10.42 21.64 -10.06
N LYS A 479 -11.00 20.48 -9.86
CA LYS A 479 -10.79 19.73 -8.62
C LYS A 479 -10.58 18.25 -8.88
N THR A 480 -10.50 17.46 -7.81
CA THR A 480 -10.23 16.03 -7.89
C THR A 480 -11.24 15.28 -8.76
N VAL A 481 -10.73 14.46 -9.67
CA VAL A 481 -11.57 13.55 -10.44
C VAL A 481 -12.05 12.41 -9.52
N TYR A 482 -13.34 12.39 -9.24
CA TYR A 482 -13.89 11.39 -8.31
C TYR A 482 -14.55 10.23 -9.02
N THR A 483 -14.91 10.42 -10.30
CA THR A 483 -15.64 9.40 -11.02
C THR A 483 -15.31 9.38 -12.50
N LEU A 484 -15.18 8.18 -13.05
CA LEU A 484 -15.08 7.98 -14.49
C LEU A 484 -16.13 6.96 -14.91
N ALA A 485 -16.64 7.09 -16.12
CA ALA A 485 -17.65 6.17 -16.61
C ALA A 485 -17.68 6.13 -18.14
N TRP A 486 -17.82 4.93 -18.69
CA TRP A 486 -17.96 4.77 -20.13
C TRP A 486 -19.43 4.65 -20.50
N GLY A 487 -19.78 5.18 -21.67
CA GLY A 487 -21.14 5.13 -22.16
C GLY A 487 -21.24 5.68 -23.57
N PRO A 488 -22.42 5.54 -24.20
CA PRO A 488 -22.62 6.02 -25.56
C PRO A 488 -22.49 7.54 -25.65
N PRO A 489 -21.76 8.04 -26.66
CA PRO A 489 -21.55 9.48 -26.84
C PRO A 489 -22.85 10.25 -27.04
N VAL A 490 -22.97 11.40 -26.38
CA VAL A 490 -24.11 12.27 -26.54
C VAL A 490 -23.66 13.52 -27.30
N PRO A 491 -24.62 14.28 -27.88
CA PRO A 491 -24.26 15.54 -28.54
C PRO A 491 -23.44 16.46 -27.64
N PRO A 492 -22.52 17.24 -28.23
CA PRO A 492 -22.27 17.34 -29.67
C PRO A 492 -21.38 16.24 -30.24
N MET A 493 -20.83 15.40 -29.36
CA MET A 493 -19.83 14.41 -29.77
C MET A 493 -20.40 13.36 -30.73
N SER A 494 -21.64 12.95 -30.50
CA SER A 494 -22.25 11.89 -31.31
C SER A 494 -22.65 12.38 -32.70
N LEU A 495 -22.62 13.69 -32.90
CA LEU A 495 -22.99 14.28 -34.18
C LEU A 495 -21.75 14.67 -34.98
N PRO A 502 -17.17 7.96 -32.08
CA PRO A 502 -16.70 6.82 -31.27
C PRO A 502 -17.85 5.96 -30.77
N SER A 503 -17.56 4.70 -30.47
CA SER A 503 -18.58 3.79 -29.96
C SER A 503 -18.91 4.12 -28.50
N LEU A 504 -17.89 4.45 -27.73
CA LEU A 504 -18.09 4.81 -26.32
C LEU A 504 -17.37 6.12 -25.98
N ALA A 505 -17.96 6.87 -25.05
CA ALA A 505 -17.33 8.10 -24.58
C ALA A 505 -16.91 7.97 -23.13
N LEU A 506 -15.80 8.61 -22.78
CA LEU A 506 -15.33 8.60 -21.41
C LEU A 506 -15.88 9.82 -20.66
N TYR A 507 -16.66 9.56 -19.63
CA TYR A 507 -17.24 10.62 -18.82
C TYR A 507 -16.44 10.81 -17.54
N SER A 508 -16.15 12.06 -17.19
CA SER A 508 -15.40 12.33 -15.98
C SER A 508 -16.11 13.38 -15.14
N CYS A 509 -16.18 13.14 -13.83
CA CYS A 509 -16.81 14.08 -12.91
C CYS A 509 -15.78 14.59 -11.90
N GLY A 510 -15.72 15.91 -11.74
CA GLY A 510 -14.75 16.52 -10.84
C GLY A 510 -15.41 17.14 -9.62
N GLY A 511 -14.61 17.44 -8.61
CA GLY A 511 -15.10 18.00 -7.36
C GLY A 511 -15.81 19.32 -7.50
N GLU A 512 -15.57 20.02 -8.61
CA GLU A 512 -16.19 21.33 -8.85
C GLU A 512 -17.63 21.17 -9.36
N GLY A 513 -18.00 19.96 -9.77
CA GLY A 513 -19.36 19.67 -10.16
C GLY A 513 -19.60 19.52 -11.65
N ILE A 514 -18.53 19.66 -12.43
CA ILE A 514 -18.63 19.56 -13.88
C ILE A 514 -18.42 18.13 -14.34
N VAL A 515 -19.28 17.65 -15.24
CA VAL A 515 -19.10 16.35 -15.86
C VAL A 515 -18.72 16.52 -17.33
N LEU A 516 -17.50 16.11 -17.65
CA LEU A 516 -16.97 16.25 -19.01
C LEU A 516 -17.17 14.97 -19.82
N GLN A 517 -17.44 15.15 -21.12
CA GLN A 517 -17.50 14.02 -22.04
C GLN A 517 -16.24 13.99 -22.90
N HIS A 518 -15.48 12.92 -22.80
CA HIS A 518 -14.21 12.81 -23.50
C HIS A 518 -14.29 11.91 -24.72
N ASN A 519 -13.46 12.21 -25.71
CA ASN A 519 -13.35 11.38 -26.90
C ASN A 519 -12.07 10.53 -26.83
N PRO A 520 -12.23 9.20 -26.78
CA PRO A 520 -11.10 8.28 -26.66
C PRO A 520 -10.11 8.41 -27.80
N TRP A 521 -10.63 8.61 -29.01
CA TRP A 521 -9.80 8.66 -30.21
C TRP A 521 -9.11 10.02 -30.36
N LYS A 522 -9.65 11.03 -29.69
CA LYS A 522 -9.09 12.38 -29.74
C LYS A 522 -9.02 13.00 -28.34
N LEU A 523 -8.22 12.40 -27.47
CA LEU A 523 -8.12 12.85 -26.08
C LEU A 523 -7.58 14.28 -25.94
N SER A 524 -6.66 14.65 -26.82
CA SER A 524 -6.07 15.99 -26.76
C SER A 524 -7.04 17.03 -27.31
N GLY A 525 -8.18 16.57 -27.82
CA GLY A 525 -9.22 17.46 -28.32
C GLY A 525 -9.95 18.17 -27.19
N GLU A 526 -11.19 18.57 -27.46
CA GLU A 526 -11.95 19.31 -26.46
C GLU A 526 -13.04 18.46 -25.83
N ALA A 527 -12.98 18.34 -24.50
CA ALA A 527 -14.02 17.64 -23.74
C ALA A 527 -15.23 18.55 -23.61
N PHE A 528 -16.42 17.96 -23.68
CA PHE A 528 -17.65 18.75 -23.67
C PHE A 528 -18.33 18.71 -22.30
N ASP A 529 -18.73 19.88 -21.82
CA ASP A 529 -19.55 19.99 -20.63
C ASP A 529 -20.98 19.53 -20.96
N ILE A 530 -21.42 18.47 -20.31
CA ILE A 530 -22.73 17.90 -20.61
C ILE A 530 -23.86 18.75 -20.04
N ASN A 531 -23.50 19.70 -19.17
CA ASN A 531 -24.47 20.65 -18.64
C ASN A 531 -25.04 21.52 -19.76
N LYS A 532 -24.20 21.80 -20.75
CA LYS A 532 -24.60 22.59 -21.91
C LYS A 532 -25.69 21.87 -22.71
N LEU A 533 -25.68 20.53 -22.64
CA LEU A 533 -26.70 19.72 -23.32
C LEU A 533 -27.94 19.55 -22.46
N ILE A 534 -27.74 19.35 -21.17
CA ILE A 534 -28.85 19.16 -20.24
C ILE A 534 -29.71 20.43 -20.15
N ARG A 535 -29.03 21.58 -20.10
CA ARG A 535 -29.68 22.88 -20.04
C ARG A 535 -30.60 23.12 -21.24
N ASP A 536 -30.16 22.69 -22.42
CA ASP A 536 -30.90 22.91 -23.65
C ASP A 536 -32.01 21.88 -23.85
N THR A 537 -31.67 20.61 -23.68
CA THR A 537 -32.62 19.52 -23.91
C THR A 537 -33.82 19.59 -22.97
N ASN A 538 -33.56 19.93 -21.71
CA ASN A 538 -34.63 19.97 -20.72
C ASN A 538 -35.10 21.40 -20.46
N SER A 539 -34.57 22.35 -21.22
CA SER A 539 -34.96 23.75 -21.14
C SER A 539 -34.87 24.28 -19.72
N ILE A 540 -33.65 24.58 -19.27
CA ILE A 540 -33.44 25.02 -17.90
C ILE A 540 -32.82 26.41 -17.82
N LYS A 541 -33.54 27.33 -17.19
CA LYS A 541 -33.08 28.72 -17.06
C LYS A 541 -32.05 28.88 -15.97
N TYR A 542 -32.42 28.52 -14.74
CA TYR A 542 -31.52 28.65 -13.59
C TYR A 542 -30.33 27.71 -13.70
N LYS A 543 -29.28 27.97 -12.93
CA LYS A 543 -28.05 27.20 -12.99
C LYS A 543 -28.28 25.73 -12.62
N LEU A 544 -27.37 24.87 -13.08
CA LEU A 544 -27.46 23.44 -12.83
C LEU A 544 -26.70 23.06 -11.55
N PRO A 545 -27.12 21.96 -10.90
CA PRO A 545 -26.51 21.54 -9.64
C PRO A 545 -25.07 21.07 -9.79
N VAL A 546 -24.34 21.09 -8.67
CA VAL A 546 -22.98 20.57 -8.61
C VAL A 546 -23.02 19.04 -8.65
N HIS A 547 -22.53 18.45 -9.74
CA HIS A 547 -22.53 16.99 -9.89
C HIS A 547 -21.36 16.36 -9.15
N THR A 548 -21.63 15.27 -8.44
CA THR A 548 -20.60 14.62 -7.64
C THR A 548 -20.44 13.14 -7.96
N GLU A 549 -21.27 12.62 -8.87
CA GLU A 549 -21.23 11.21 -9.21
C GLU A 549 -21.93 10.93 -10.54
N ILE A 550 -21.35 10.04 -11.34
CA ILE A 550 -21.96 9.65 -12.60
C ILE A 550 -21.94 8.13 -12.78
N SER A 551 -23.08 7.55 -13.11
CA SER A 551 -23.19 6.11 -13.26
C SER A 551 -24.16 5.72 -14.38
N TRP A 552 -23.63 5.04 -15.39
CA TRP A 552 -24.43 4.56 -16.50
C TRP A 552 -25.11 3.23 -16.17
N LYS A 553 -26.35 3.08 -16.63
CA LYS A 553 -27.07 1.81 -16.54
C LYS A 553 -26.40 0.82 -17.48
N ALA A 554 -26.57 -0.47 -17.20
CA ALA A 554 -25.90 -1.54 -17.95
C ALA A 554 -26.22 -1.52 -19.45
N ASP A 555 -27.45 -1.17 -19.81
CA ASP A 555 -27.85 -1.13 -21.21
C ASP A 555 -27.34 0.11 -21.95
N GLY A 556 -26.79 1.05 -21.18
CA GLY A 556 -26.27 2.28 -21.76
C GLY A 556 -27.38 3.18 -22.26
N LYS A 557 -28.59 2.98 -21.72
CA LYS A 557 -29.75 3.75 -22.13
C LYS A 557 -30.11 4.79 -21.09
N ILE A 558 -29.57 4.62 -19.88
CA ILE A 558 -29.85 5.54 -18.77
C ILE A 558 -28.57 5.98 -18.09
N MET A 559 -28.41 7.29 -17.91
CA MET A 559 -27.29 7.84 -17.16
C MET A 559 -27.80 8.54 -15.90
N ALA A 560 -27.19 8.23 -14.76
CA ALA A 560 -27.60 8.83 -13.50
C ALA A 560 -26.54 9.77 -12.97
N LEU A 561 -26.97 10.92 -12.47
CA LEU A 561 -26.05 11.90 -11.90
C LEU A 561 -26.41 12.23 -10.46
N GLY A 562 -25.45 12.06 -9.56
CA GLY A 562 -25.63 12.42 -8.17
C GLY A 562 -25.09 13.82 -7.95
N ASN A 563 -25.68 14.54 -6.99
CA ASN A 563 -25.32 15.94 -6.79
C ASN A 563 -24.95 16.27 -5.35
N GLU A 564 -24.37 17.45 -5.17
CA GLU A 564 -23.94 17.92 -3.86
C GLU A 564 -25.11 18.05 -2.88
N ASP A 565 -26.29 18.39 -3.40
CA ASP A 565 -27.46 18.59 -2.56
C ASP A 565 -28.12 17.28 -2.14
N GLY A 566 -27.73 16.19 -2.80
CA GLY A 566 -28.21 14.88 -2.41
C GLY A 566 -29.18 14.26 -3.39
N SER A 567 -29.54 15.03 -4.41
CA SER A 567 -30.48 14.55 -5.42
C SER A 567 -29.76 13.72 -6.48
N ILE A 568 -30.48 12.77 -7.05
CA ILE A 568 -29.97 11.99 -8.17
C ILE A 568 -30.89 12.18 -9.37
N GLU A 569 -30.34 12.73 -10.44
CA GLU A 569 -31.13 13.02 -11.62
C GLU A 569 -30.97 11.91 -12.65
N ILE A 570 -32.10 11.48 -13.21
CA ILE A 570 -32.12 10.36 -14.16
C ILE A 570 -32.36 10.84 -15.58
N PHE A 571 -31.32 10.74 -16.42
CA PHE A 571 -31.40 11.17 -17.81
C PHE A 571 -31.42 9.98 -18.74
N GLN A 572 -31.86 10.19 -19.98
CA GLN A 572 -31.91 9.10 -20.95
C GLN A 572 -31.42 9.53 -22.34
N ILE A 573 -30.91 8.55 -23.08
CA ILE A 573 -30.42 8.76 -24.44
C ILE A 573 -31.54 9.24 -25.36
N PRO A 574 -31.18 9.94 -26.46
CA PRO A 574 -29.82 10.33 -26.85
C PRO A 574 -29.43 11.75 -26.42
N ASN A 575 -30.38 12.52 -25.92
CA ASN A 575 -30.12 13.93 -25.62
C ASN A 575 -30.13 14.27 -24.13
N LEU A 576 -30.10 13.23 -23.29
CA LEU A 576 -30.12 13.39 -21.84
C LEU A 576 -31.37 14.13 -21.37
N LYS A 577 -32.54 13.56 -21.67
CA LYS A 577 -33.80 14.13 -21.22
C LYS A 577 -34.05 13.73 -19.77
N LEU A 578 -34.27 14.71 -18.92
CA LEU A 578 -34.54 14.45 -17.50
C LEU A 578 -35.95 13.87 -17.32
N ILE A 579 -36.01 12.59 -16.96
CA ILE A 579 -37.28 11.90 -16.83
C ILE A 579 -37.61 11.59 -15.37
N CYS A 580 -36.63 11.76 -14.49
CA CYS A 580 -36.81 11.45 -13.08
C CYS A 580 -35.79 12.14 -12.19
N THR A 581 -36.23 12.57 -11.01
CA THR A 581 -35.33 13.14 -10.01
C THR A 581 -35.59 12.50 -8.65
N ILE A 582 -34.57 11.85 -8.10
CA ILE A 582 -34.70 11.18 -6.82
C ILE A 582 -34.24 12.08 -5.69
N GLN A 583 -35.19 12.50 -4.84
CA GLN A 583 -34.87 13.29 -3.67
C GLN A 583 -34.95 12.41 -2.43
N GLN A 584 -33.83 11.79 -2.08
CA GLN A 584 -33.78 10.89 -0.95
C GLN A 584 -32.66 11.27 0.01
N HIS A 585 -31.45 11.39 -0.53
CA HIS A 585 -30.30 11.84 0.25
C HIS A 585 -30.38 13.34 0.50
N HIS A 586 -29.91 13.79 1.66
CA HIS A 586 -29.90 15.21 1.98
CA HIS A 586 -29.89 15.22 1.94
C HIS A 586 -28.46 15.71 2.09
N LYS A 587 -27.52 14.89 1.65
CA LYS A 587 -26.10 15.24 1.65
C LYS A 587 -25.42 14.76 0.37
N LEU A 588 -24.17 15.16 0.18
CA LEU A 588 -23.41 14.89 -1.05
C LEU A 588 -23.40 13.42 -1.48
N VAL A 589 -23.82 13.16 -2.72
CA VAL A 589 -23.85 11.79 -3.25
C VAL A 589 -22.46 11.34 -3.64
N ASN A 590 -22.01 10.22 -3.04
CA ASN A 590 -20.66 9.72 -3.26
C ASN A 590 -20.58 8.61 -4.30
N THR A 591 -21.62 7.79 -4.37
CA THR A 591 -21.56 6.58 -5.17
C THR A 591 -22.94 6.15 -5.65
N ILE A 592 -23.00 5.64 -6.88
CA ILE A 592 -24.22 5.09 -7.45
C ILE A 592 -23.88 3.82 -8.23
N SER A 593 -24.68 2.78 -8.07
CA SER A 593 -24.43 1.53 -8.79
C SER A 593 -25.73 0.91 -9.31
N TRP A 594 -25.75 0.57 -10.59
CA TRP A 594 -26.88 -0.14 -11.18
C TRP A 594 -26.68 -1.63 -11.06
N HIS A 595 -27.77 -2.36 -10.83
CA HIS A 595 -27.74 -3.83 -10.79
C HIS A 595 -27.41 -4.38 -12.17
N HIS A 596 -26.68 -5.50 -12.20
CA HIS A 596 -26.30 -6.13 -13.47
C HIS A 596 -27.52 -6.69 -14.20
N GLU A 597 -27.35 -6.96 -15.49
CA GLU A 597 -28.45 -7.39 -16.34
C GLU A 597 -28.52 -8.89 -16.57
N HIS A 598 -27.97 -9.67 -15.64
CA HIS A 598 -28.00 -11.12 -15.80
C HIS A 598 -28.45 -11.85 -14.54
N GLY A 599 -29.37 -11.24 -13.80
CA GLY A 599 -29.96 -11.89 -12.65
C GLY A 599 -31.06 -12.85 -13.09
N SER A 600 -31.66 -13.55 -12.12
CA SER A 600 -32.75 -14.47 -12.43
C SER A 600 -33.93 -13.71 -13.05
N GLN A 601 -34.30 -12.60 -12.42
CA GLN A 601 -35.33 -11.72 -12.96
C GLN A 601 -34.68 -10.49 -13.59
N PRO A 602 -34.80 -10.36 -14.92
CA PRO A 602 -34.23 -9.23 -15.68
C PRO A 602 -34.79 -7.87 -15.27
N GLU A 603 -35.86 -7.86 -14.46
CA GLU A 603 -36.41 -6.60 -13.95
C GLU A 603 -35.57 -6.05 -12.81
N LEU A 604 -34.60 -6.84 -12.35
CA LEU A 604 -33.71 -6.42 -11.29
C LEU A 604 -32.74 -5.34 -11.76
N SER A 605 -32.54 -5.26 -13.08
CA SER A 605 -31.60 -4.31 -13.65
C SER A 605 -32.07 -2.86 -13.57
N TYR A 606 -33.25 -2.64 -13.00
CA TYR A 606 -33.77 -1.29 -12.78
C TYR A 606 -33.53 -0.85 -11.34
N LEU A 607 -32.89 -1.72 -10.56
CA LEU A 607 -32.52 -1.37 -9.19
C LEU A 607 -31.29 -0.48 -9.18
N MET A 608 -31.31 0.53 -8.32
CA MET A 608 -30.20 1.47 -8.21
C MET A 608 -29.87 1.76 -6.75
N ALA A 609 -28.67 1.39 -6.34
CA ALA A 609 -28.19 1.70 -5.00
C ALA A 609 -27.45 3.03 -5.00
N SER A 610 -27.50 3.75 -3.89
CA SER A 610 -26.78 5.02 -3.77
C SER A 610 -26.26 5.25 -2.35
N GLY A 611 -25.13 5.92 -2.26
CA GLY A 611 -24.53 6.24 -0.97
C GLY A 611 -24.11 7.70 -0.89
N SER A 612 -24.28 8.29 0.28
CA SER A 612 -23.96 9.70 0.47
C SER A 612 -23.16 9.93 1.74
N ASN A 613 -23.10 11.18 2.19
CA ASN A 613 -22.41 11.51 3.42
C ASN A 613 -23.21 11.08 4.65
N ASN A 614 -24.48 10.75 4.45
CA ASN A 614 -25.26 10.09 5.49
C ASN A 614 -24.98 8.59 5.48
N ALA A 615 -25.16 7.96 6.63
CA ALA A 615 -24.80 6.55 6.81
C ALA A 615 -25.85 5.61 6.24
N VAL A 616 -26.98 6.15 5.82
CA VAL A 616 -28.07 5.33 5.32
C VAL A 616 -27.99 5.15 3.81
N ILE A 617 -28.08 3.89 3.37
CA ILE A 617 -28.03 3.54 1.96
C ILE A 617 -29.43 3.30 1.41
N TYR A 618 -29.69 3.83 0.22
CA TYR A 618 -31.00 3.66 -0.41
C TYR A 618 -30.92 2.90 -1.73
N VAL A 619 -31.90 2.02 -1.94
CA VAL A 619 -32.07 1.36 -3.23
C VAL A 619 -33.37 1.86 -3.85
N HIS A 620 -33.34 2.17 -5.14
CA HIS A 620 -34.53 2.64 -5.83
C HIS A 620 -34.83 1.83 -7.09
N ASN A 621 -36.05 1.31 -7.16
CA ASN A 621 -36.51 0.61 -8.35
C ASN A 621 -37.08 1.61 -9.35
N LEU A 622 -36.57 1.57 -10.56
CA LEU A 622 -36.96 2.54 -11.58
C LEU A 622 -37.58 1.87 -12.79
N LYS A 623 -38.24 0.74 -12.55
CA LYS A 623 -38.88 0.00 -13.64
C LYS A 623 -40.07 0.80 -14.20
N THR A 624 -40.95 1.24 -13.31
CA THR A 624 -42.16 1.95 -13.71
C THR A 624 -41.84 3.28 -14.40
N VAL A 625 -41.10 4.13 -13.71
CA VAL A 625 -40.84 5.49 -14.19
C VAL A 625 -40.07 5.51 -15.51
N ILE A 626 -39.26 4.50 -15.77
CA ILE A 626 -38.52 4.43 -17.02
C ILE A 626 -39.38 3.86 -18.15
N GLU A 627 -40.12 2.80 -17.86
CA GLU A 627 -40.94 2.13 -18.86
C GLU A 627 -42.22 2.91 -19.15
N SER A 628 -42.53 3.90 -18.31
CA SER A 628 -43.68 4.77 -18.56
C SER A 628 -43.29 5.87 -19.53
N SER A 629 -42.01 6.22 -19.53
CA SER A 629 -41.46 7.26 -20.40
C SER A 629 -42.25 8.57 -20.30
N PRO A 630 -42.14 9.25 -19.14
CA PRO A 630 -42.91 10.48 -18.91
C PRO A 630 -42.26 11.70 -19.56
N GLU A 631 -43.03 12.45 -20.35
CA GLU A 631 -42.52 13.66 -20.97
C GLU A 631 -42.29 14.74 -19.92
N SER A 632 -43.03 14.65 -18.82
CA SER A 632 -42.79 15.49 -17.65
C SER A 632 -42.08 14.65 -16.59
N PRO A 633 -40.87 15.08 -16.19
CA PRO A 633 -40.03 14.37 -15.22
C PRO A 633 -40.76 14.07 -13.90
N VAL A 634 -40.38 12.98 -13.25
CA VAL A 634 -41.05 12.55 -12.02
C VAL A 634 -40.13 12.67 -10.81
N THR A 635 -40.66 13.20 -9.71
CA THR A 635 -39.91 13.29 -8.46
C THR A 635 -40.23 12.11 -7.55
N ILE A 636 -39.20 11.38 -7.15
CA ILE A 636 -39.35 10.25 -6.24
C ILE A 636 -38.77 10.59 -4.87
N THR A 637 -39.56 10.36 -3.82
CA THR A 637 -39.14 10.67 -2.46
C THR A 637 -39.32 9.48 -1.53
N GLU A 638 -39.57 8.31 -2.14
CA GLU A 638 -39.68 7.07 -1.38
C GLU A 638 -38.69 6.03 -1.90
N PRO A 639 -37.93 5.41 -0.97
CA PRO A 639 -36.97 4.36 -1.34
C PRO A 639 -37.63 3.01 -1.53
N TYR A 640 -37.23 2.29 -2.58
CA TYR A 640 -37.71 0.94 -2.79
C TYR A 640 -37.17 0.02 -1.69
N ARG A 641 -35.95 0.28 -1.26
CA ARG A 641 -35.33 -0.42 -0.14
C ARG A 641 -34.49 0.55 0.68
N THR A 642 -34.18 0.18 1.91
CA THR A 642 -33.39 1.04 2.79
C THR A 642 -32.42 0.22 3.64
N LEU A 643 -31.14 0.58 3.57
CA LEU A 643 -30.10 -0.17 4.27
C LEU A 643 -29.44 0.68 5.36
N SER A 644 -29.83 0.42 6.61
CA SER A 644 -29.27 1.13 7.75
C SER A 644 -28.38 0.20 8.58
N GLY A 645 -27.30 0.75 9.11
CA GLY A 645 -26.35 -0.05 9.87
C GLY A 645 -25.01 0.65 10.01
N HIS A 646 -24.54 1.26 8.92
CA HIS A 646 -23.31 2.04 8.96
C HIS A 646 -23.49 3.24 9.86
N THR A 647 -22.39 3.77 10.37
CA THR A 647 -22.44 4.91 11.29
C THR A 647 -21.66 6.11 10.77
N ALA A 648 -21.25 6.04 9.50
CA ALA A 648 -20.55 7.16 8.86
C ALA A 648 -20.81 7.16 7.36
N LYS A 649 -20.23 8.13 6.67
CA LYS A 649 -20.51 8.34 5.25
C LYS A 649 -20.17 7.10 4.40
N ILE A 650 -20.94 6.92 3.34
CA ILE A 650 -20.76 5.79 2.44
C ILE A 650 -19.98 6.22 1.20
N THR A 651 -18.80 5.64 1.01
CA THR A 651 -17.91 6.04 -0.07
C THR A 651 -18.12 5.23 -1.35
N SER A 652 -18.63 4.01 -1.22
CA SER A 652 -18.71 3.11 -2.36
C SER A 652 -19.71 1.96 -2.15
N VAL A 653 -20.52 1.69 -3.17
CA VAL A 653 -21.41 0.52 -3.17
C VAL A 653 -21.31 -0.23 -4.50
N ALA A 654 -21.53 -1.53 -4.45
CA ALA A 654 -21.46 -2.37 -5.65
C ALA A 654 -22.34 -3.59 -5.52
N TRP A 655 -22.98 -3.99 -6.61
CA TRP A 655 -23.80 -5.18 -6.65
C TRP A 655 -22.97 -6.41 -7.00
N SER A 656 -23.23 -7.52 -6.32
CA SER A 656 -22.60 -8.78 -6.68
C SER A 656 -23.09 -9.23 -8.05
N PRO A 657 -22.16 -9.50 -8.97
CA PRO A 657 -22.51 -10.04 -10.28
C PRO A 657 -22.84 -11.55 -10.23
N HIS A 658 -22.81 -12.12 -9.03
CA HIS A 658 -23.09 -13.55 -8.87
C HIS A 658 -24.48 -13.79 -8.27
N HIS A 659 -25.04 -12.76 -7.64
CA HIS A 659 -26.30 -12.92 -6.93
C HIS A 659 -27.37 -11.97 -7.44
N ASP A 660 -28.53 -12.03 -6.81
CA ASP A 660 -29.61 -11.09 -7.09
C ASP A 660 -29.84 -10.22 -5.86
N GLY A 661 -29.66 -8.92 -6.03
CA GLY A 661 -29.92 -7.97 -4.95
C GLY A 661 -28.97 -8.05 -3.77
N ARG A 662 -27.74 -8.49 -4.02
CA ARG A 662 -26.73 -8.56 -2.96
C ARG A 662 -25.74 -7.39 -3.11
N LEU A 663 -25.75 -6.50 -2.13
CA LEU A 663 -24.94 -5.29 -2.19
C LEU A 663 -23.80 -5.29 -1.18
N VAL A 664 -22.65 -4.75 -1.58
CA VAL A 664 -21.56 -4.49 -0.65
C VAL A 664 -21.30 -2.98 -0.58
N SER A 665 -21.08 -2.48 0.63
CA SER A 665 -20.89 -1.04 0.81
C SER A 665 -19.62 -0.76 1.60
N ALA A 666 -18.97 0.36 1.27
CA ALA A 666 -17.77 0.80 1.98
C ALA A 666 -18.06 2.09 2.73
N SER A 667 -17.63 2.16 3.99
CA SER A 667 -17.99 3.28 4.84
C SER A 667 -16.81 3.88 5.61
N TYR A 668 -16.97 5.13 6.02
CA TYR A 668 -15.98 5.82 6.84
C TYR A 668 -15.95 5.29 8.26
N ASP A 669 -16.91 4.40 8.59
CA ASP A 669 -16.95 3.82 9.93
C ASP A 669 -15.88 2.73 10.09
N GLY A 670 -15.17 2.45 9.00
CA GLY A 670 -14.05 1.53 9.05
C GLY A 670 -14.41 0.11 8.67
N THR A 671 -15.64 -0.09 8.22
CA THR A 671 -16.08 -1.43 7.86
C THR A 671 -16.71 -1.48 6.47
N ALA A 672 -16.74 -2.69 5.91
CA ALA A 672 -17.51 -2.95 4.70
C ALA A 672 -18.67 -3.87 5.06
N GLN A 673 -19.86 -3.58 4.54
CA GLN A 673 -21.04 -4.36 4.86
C GLN A 673 -21.64 -5.05 3.63
N VAL A 674 -21.96 -6.33 3.79
CA VAL A 674 -22.65 -7.08 2.75
C VAL A 674 -24.14 -7.16 3.07
N TRP A 675 -24.97 -6.67 2.15
CA TRP A 675 -26.41 -6.69 2.35
C TRP A 675 -27.11 -7.64 1.39
N ASP A 676 -28.23 -8.19 1.85
CA ASP A 676 -29.25 -8.70 0.94
C ASP A 676 -30.28 -7.59 0.81
N ALA A 677 -30.10 -6.74 -0.20
CA ALA A 677 -30.86 -5.50 -0.30
C ALA A 677 -32.36 -5.72 -0.40
N LEU A 678 -32.76 -6.75 -1.14
CA LEU A 678 -34.18 -7.03 -1.37
C LEU A 678 -34.91 -7.34 -0.06
N ARG A 679 -34.21 -7.97 0.87
CA ARG A 679 -34.80 -8.28 2.17
C ARG A 679 -34.30 -7.32 3.25
N GLU A 680 -33.50 -6.34 2.83
CA GLU A 680 -32.93 -5.35 3.74
C GLU A 680 -32.27 -5.98 4.96
N GLU A 681 -31.49 -7.03 4.72
CA GLU A 681 -30.90 -7.80 5.80
C GLU A 681 -29.37 -7.81 5.72
N PRO A 682 -28.71 -7.32 6.78
CA PRO A 682 -27.25 -7.38 6.90
C PRO A 682 -26.75 -8.82 6.94
N LEU A 683 -25.76 -9.15 6.12
CA LEU A 683 -25.26 -10.52 6.06
C LEU A 683 -23.90 -10.68 6.73
N CYS A 684 -22.93 -9.83 6.40
CA CYS A 684 -21.65 -9.87 7.09
C CYS A 684 -20.89 -8.53 7.02
N ASN A 685 -20.10 -8.27 8.05
CA ASN A 685 -19.38 -7.00 8.18
C ASN A 685 -17.87 -7.22 8.31
N PHE A 686 -17.12 -6.70 7.34
CA PHE A 686 -15.67 -6.87 7.33
C PHE A 686 -14.99 -5.74 8.09
N ARG A 687 -14.13 -6.10 9.04
CA ARG A 687 -13.56 -5.11 9.94
C ARG A 687 -12.03 -5.11 9.93
N GLY A 688 -11.45 -5.75 8.92
CA GLY A 688 -10.01 -5.86 8.80
C GLY A 688 -9.27 -4.53 8.73
N HIS A 689 -9.82 -3.57 8.00
CA HIS A 689 -9.18 -2.26 7.86
C HIS A 689 -9.10 -1.51 9.18
N ARG A 690 -8.11 -0.63 9.29
CA ARG A 690 -7.97 0.20 10.48
C ARG A 690 -8.32 1.65 10.18
N GLY A 691 -8.47 1.97 8.91
CA GLY A 691 -8.85 3.30 8.49
C GLY A 691 -10.26 3.36 7.92
N ARG A 692 -10.49 4.39 7.10
CA ARG A 692 -11.81 4.61 6.51
C ARG A 692 -11.85 4.15 5.05
N LEU A 693 -12.78 3.26 4.74
CA LEU A 693 -12.84 2.63 3.42
C LEU A 693 -13.23 3.63 2.32
N LEU A 694 -12.54 3.53 1.19
CA LEU A 694 -12.71 4.45 0.09
C LEU A 694 -13.30 3.76 -1.14
N CYS A 695 -13.16 2.44 -1.19
CA CYS A 695 -13.62 1.69 -2.34
C CYS A 695 -13.82 0.22 -2.01
N VAL A 696 -14.67 -0.43 -2.79
CA VAL A 696 -14.94 -1.84 -2.62
C VAL A 696 -15.26 -2.47 -3.98
N ALA A 697 -14.93 -3.74 -4.15
CA ALA A 697 -15.16 -4.41 -5.43
C ALA A 697 -15.37 -5.90 -5.23
N TRP A 698 -16.33 -6.45 -5.95
CA TRP A 698 -16.61 -7.87 -5.90
C TRP A 698 -15.70 -8.62 -6.86
N SER A 699 -15.19 -9.77 -6.43
CA SER A 699 -14.48 -10.66 -7.34
C SER A 699 -15.41 -11.11 -8.46
N PRO A 700 -14.93 -11.03 -9.71
CA PRO A 700 -15.74 -11.39 -10.89
C PRO A 700 -15.90 -12.90 -11.05
N LEU A 701 -15.09 -13.67 -10.35
CA LEU A 701 -15.07 -15.12 -10.51
C LEU A 701 -15.53 -15.85 -9.25
N ASP A 702 -15.20 -15.30 -8.09
CA ASP A 702 -15.57 -15.91 -6.82
C ASP A 702 -16.68 -15.14 -6.12
N PRO A 703 -17.85 -15.76 -5.96
CA PRO A 703 -19.02 -15.15 -5.32
C PRO A 703 -18.80 -14.81 -3.85
N ASP A 704 -17.77 -15.39 -3.25
CA ASP A 704 -17.51 -15.24 -1.82
C ASP A 704 -16.42 -14.20 -1.55
N CYS A 705 -15.79 -13.71 -2.62
CA CYS A 705 -14.59 -12.91 -2.50
C CYS A 705 -14.80 -11.42 -2.82
N ILE A 706 -14.36 -10.55 -1.92
CA ILE A 706 -14.51 -9.10 -2.09
C ILE A 706 -13.21 -8.36 -1.77
N TYR A 707 -12.90 -7.33 -2.56
CA TYR A 707 -11.73 -6.49 -2.32
C TYR A 707 -12.16 -5.13 -1.79
N SER A 708 -11.39 -4.59 -0.85
CA SER A 708 -11.66 -3.26 -0.30
C SER A 708 -10.37 -2.46 -0.08
N GLY A 709 -10.45 -1.15 -0.26
CA GLY A 709 -9.32 -0.28 -0.04
C GLY A 709 -9.68 0.89 0.86
N ALA A 710 -8.74 1.28 1.73
CA ALA A 710 -9.00 2.36 2.69
C ALA A 710 -7.82 3.33 2.78
N ASP A 711 -7.96 4.35 3.61
CA ASP A 711 -6.90 5.32 3.81
C ASP A 711 -5.88 4.86 4.84
N ASP A 712 -5.91 3.56 5.15
CA ASP A 712 -4.89 2.96 6.00
C ASP A 712 -3.77 2.37 5.16
N PHE A 713 -3.77 2.74 3.87
CA PHE A 713 -2.77 2.31 2.90
C PHE A 713 -2.86 0.82 2.62
N CYS A 714 -4.05 0.25 2.78
CA CYS A 714 -4.25 -1.19 2.62
C CYS A 714 -5.33 -1.57 1.62
N VAL A 715 -5.08 -2.65 0.88
CA VAL A 715 -6.14 -3.33 0.15
C VAL A 715 -6.28 -4.74 0.73
N HIS A 716 -7.50 -5.09 1.15
CA HIS A 716 -7.78 -6.41 1.67
C HIS A 716 -8.64 -7.23 0.71
N LYS A 717 -8.24 -8.47 0.48
CA LYS A 717 -9.08 -9.43 -0.21
C LYS A 717 -9.64 -10.38 0.84
N TRP A 718 -10.95 -10.39 1.00
CA TRP A 718 -11.57 -11.16 2.08
C TRP A 718 -12.78 -11.98 1.62
N LEU A 719 -13.18 -12.92 2.48
CA LEU A 719 -14.29 -13.81 2.21
C LEU A 719 -15.50 -13.47 3.08
N THR A 720 -16.67 -13.39 2.45
CA THR A 720 -17.90 -13.09 3.16
C THR A 720 -18.25 -14.19 4.16
N SER A 721 -17.89 -15.42 3.83
CA SER A 721 -18.21 -16.57 4.67
C SER A 721 -17.35 -16.64 5.92
N MET A 722 -16.25 -15.90 5.93
CA MET A 722 -15.30 -15.95 7.04
C MET A 722 -15.54 -14.81 8.04
N GLN A 723 -16.60 -14.04 7.83
CA GLN A 723 -16.87 -12.90 8.69
C GLN A 723 -17.90 -13.25 9.77
N ASP A 724 -17.49 -13.14 11.02
CA ASP A 724 -18.34 -13.48 12.16
C ASP A 724 -19.41 -12.43 12.40
N HIS A 725 -19.02 -11.17 12.32
CA HIS A 725 -19.97 -10.07 12.50
C HIS A 725 -20.88 -9.94 11.29
N SER A 726 -22.13 -9.55 11.53
CA SER A 726 -23.12 -9.46 10.46
C SER A 726 -23.51 -8.02 10.14
N ARG A 727 -23.37 -7.13 11.12
CA ARG A 727 -23.75 -5.73 10.94
C ARG A 727 -22.61 -4.82 11.40
N PRO A 728 -22.60 -3.56 10.94
CA PRO A 728 -21.54 -2.64 11.37
C PRO A 728 -21.59 -2.37 12.87
N PRO A 729 -20.42 -2.05 13.48
CA PRO A 729 -20.31 -1.72 14.90
C PRO A 729 -21.24 -0.58 15.30
N GLN A 730 -21.79 -0.63 16.51
CA GLN A 730 -22.73 0.39 16.96
C GLN A 730 -22.24 1.08 18.23
PA M7G B . -12.50 14.38 0.90
O1A M7G B . -11.44 14.48 -0.17
O2A M7G B . -13.43 15.57 0.79
O3A M7G B . -11.79 14.40 2.32
O5' M7G B . -13.31 13.04 0.68
PB M7G B . -12.71 14.04 3.57
O1B M7G B . -12.86 15.27 4.43
O2B M7G B . -12.00 12.98 4.39
O3B M7G B . -14.08 13.56 3.17
C5' M7G B . -12.48 11.94 0.36
C4' M7G B . -13.33 10.75 -0.03
O4' M7G B . -14.74 11.09 0.00
C3' M7G B . -13.01 10.37 -1.47
O3' M7G B . -12.07 9.28 -1.52
C2' M7G B . -14.35 9.95 -2.06
O2' M7G B . -14.59 8.55 -1.86
C1' M7G B . -15.35 10.77 -1.26
N9 M7G B . -15.71 11.99 -1.96
C8 M7G B . -15.39 13.36 -1.56
N7 M7G B . -15.97 14.24 -2.58
CM7 M7G B . -15.89 15.68 -2.58
C5 M7G B . -16.57 13.43 -3.49
C6 M7G B . -17.28 13.72 -4.67
O6 M7G B . -17.46 14.86 -5.06
N1 M7G B . -17.80 12.69 -5.41
C2 M7G B . -17.62 11.40 -5.03
N2 M7G B . -18.14 10.41 -5.79
N3 M7G B . -16.95 11.10 -3.89
C4 M7G B . -16.41 12.08 -3.12
#